data_4L9O
#
_entry.id   4L9O
#
_cell.length_a   70.509
_cell.length_b   49.320
_cell.length_c   90.904
_cell.angle_alpha   90.00
_cell.angle_beta   111.70
_cell.angle_gamma   90.00
#
_symmetry.space_group_name_H-M   'P 1 21 1'
#
loop_
_entity.id
_entity.type
_entity.pdbx_description
1 polymer 'Sec16,Protein transport protein SEC13'
2 non-polymer 'CALCIUM ION'
3 non-polymer 'CHLORIDE ION'
4 non-polymer 1,2-ETHANEDIOL
5 water water
#
_entity_poly.entity_id   1
_entity_poly.type   'polypeptide(L)'
_entity_poly.pdbx_seq_one_letter_code
;GSHMTAPVVRNPEVYNRTQFPIFHWCRGGKALSMLPKFDTYGQSKVEINIVGSGGGSGGGSVTIGNAHDDLIHDAVLDYY
GRRLATCSSDKTIKIFEIDGENQRLVETLIGHEGPVWQVAWAHPKFGVILASCSYDGKVLIWKEDNGVWNKVAEHSVHQA
SVNSVSWAPHEYGPVLLCASSDGKISIVEFKDGGALEPIVIQGHAIGVNAASWAPISLPDNTRRFVSGGCDNLVKIWRYD
DAAKTFIEEEAFQGHSDWVRDVAWSPSRLSKSYIATASQDRTVLIWTKDGKSNKWEKQPLTKEKFPDVCWRASWSLSGNV
LAISGGDNKVTLWKENIQGKWESAGEVDQ
;
_entity_poly.pdbx_strand_id   A,B
#
loop_
_chem_comp.id
_chem_comp.type
_chem_comp.name
_chem_comp.formula
CA non-polymer 'CALCIUM ION' 'Ca 2'
CL non-polymer 'CHLORIDE ION' 'Cl -1'
EDO non-polymer 1,2-ETHANEDIOL 'C2 H6 O2'
#
# COMPACT_ATOMS: atom_id res chain seq x y z
N SER A 2 37.06 33.17 -36.37
CA SER A 2 36.01 32.74 -37.28
C SER A 2 35.12 33.91 -37.68
N HIS A 3 34.32 33.69 -38.72
CA HIS A 3 33.33 34.66 -39.17
C HIS A 3 31.98 34.07 -38.83
N MET A 4 31.32 34.66 -37.82
CA MET A 4 30.09 34.11 -37.30
C MET A 4 28.99 35.14 -37.31
N THR A 5 28.06 34.95 -38.22
CA THR A 5 26.92 35.81 -38.36
C THR A 5 25.69 35.37 -37.58
N ALA A 6 25.60 34.08 -37.23
CA ALA A 6 24.46 33.56 -36.48
C ALA A 6 24.57 34.02 -35.01
N PRO A 7 23.42 34.20 -34.36
CA PRO A 7 23.44 34.61 -32.94
C PRO A 7 24.10 33.56 -32.09
N VAL A 8 24.97 33.99 -31.18
CA VAL A 8 25.64 33.11 -30.27
C VAL A 8 25.21 33.53 -28.86
N VAL A 9 24.75 32.57 -28.07
CA VAL A 9 24.31 32.83 -26.69
C VAL A 9 25.19 32.07 -25.72
N ARG A 10 25.18 32.48 -24.46
CA ARG A 10 25.81 31.66 -23.43
C ARG A 10 24.76 31.25 -22.41
N ASN A 11 24.76 29.97 -22.08
CA ASN A 11 23.84 29.43 -21.11
C ASN A 11 24.58 28.57 -20.10
N PRO A 12 23.98 28.37 -18.92
CA PRO A 12 24.52 27.36 -18.01
C PRO A 12 24.47 25.97 -18.65
N ARG A 17 22.05 21.39 -12.10
CA ARG A 17 22.57 22.65 -11.61
C ARG A 17 21.89 23.23 -10.35
N THR A 18 20.60 22.92 -10.10
CA THR A 18 19.95 23.55 -8.94
C THR A 18 19.29 22.64 -7.95
N GLN A 19 19.11 23.17 -6.76
CA GLN A 19 18.56 22.43 -5.63
C GLN A 19 17.09 22.77 -5.48
N PHE A 20 16.25 21.74 -5.49
CA PHE A 20 14.81 21.89 -5.25
C PHE A 20 14.39 21.18 -3.94
N PRO A 21 13.22 21.52 -3.42
CA PRO A 21 12.73 20.81 -2.23
C PRO A 21 12.33 19.39 -2.58
N ILE A 22 12.32 18.55 -1.55
CA ILE A 22 11.88 17.15 -1.68
C ILE A 22 10.87 16.86 -0.60
N PHE A 23 9.85 16.08 -0.95
CA PHE A 23 8.86 15.64 0.04
C PHE A 23 8.29 14.29 -0.38
N HIS A 24 8.00 13.43 0.59
CA HIS A 24 7.16 12.29 0.30
C HIS A 24 6.26 11.95 1.46
N TRP A 25 5.14 11.33 1.09
CA TRP A 25 4.12 10.92 2.01
C TRP A 25 4.58 9.74 2.89
N CYS A 26 3.79 9.37 3.88
CA CYS A 26 4.29 8.45 4.89
C CYS A 26 4.63 7.05 4.40
N ARG A 27 5.79 6.58 4.86
CA ARG A 27 6.22 5.20 4.69
C ARG A 27 6.65 4.66 6.04
N GLY A 28 6.09 3.52 6.48
CA GLY A 28 6.40 3.08 7.81
C GLY A 28 6.06 4.10 8.88
N GLY A 29 5.03 4.90 8.64
CA GLY A 29 4.60 5.90 9.57
C GLY A 29 5.36 7.21 9.47
N LYS A 30 6.30 7.32 8.53
CA LYS A 30 7.20 8.47 8.51
C LYS A 30 7.16 9.23 7.18
N ALA A 31 6.96 10.55 7.29
CA ALA A 31 7.02 11.44 6.14
C ALA A 31 8.41 12.05 6.07
N LEU A 32 8.77 12.52 4.90
CA LEU A 32 10.09 13.07 4.66
C LEU A 32 9.98 14.43 3.99
N SER A 33 10.76 15.41 4.46
CA SER A 33 10.82 16.68 3.76
C SER A 33 12.25 17.18 3.73
N MET A 34 12.56 17.98 2.72
CA MET A 34 13.85 18.60 2.61
C MET A 34 13.63 19.97 1.97
N LEU A 35 13.85 21.03 2.76
CA LEU A 35 13.61 22.40 2.32
C LEU A 35 14.93 23.18 2.32
N PRO A 36 15.46 23.49 1.13
CA PRO A 36 16.77 24.18 1.08
C PRO A 36 16.73 25.55 1.75
N LYS A 37 17.82 25.86 2.44
CA LYS A 37 17.96 27.13 3.17
C LYS A 37 19.43 27.50 3.17
N PHE A 38 19.71 28.78 3.34
CA PHE A 38 21.05 29.26 3.63
C PHE A 38 21.18 29.92 4.99
N ASP A 39 22.37 29.81 5.59
CA ASP A 39 22.66 30.44 6.88
C ASP A 39 23.26 31.84 6.74
N THR A 40 23.78 32.40 7.84
CA THR A 40 24.23 33.81 7.86
C THR A 40 25.59 34.01 7.21
N TYR A 41 26.24 32.91 6.89
CA TYR A 41 27.51 32.92 6.22
C TYR A 41 27.29 32.55 4.78
N GLY A 42 26.02 32.51 4.39
CA GLY A 42 25.69 32.21 3.01
C GLY A 42 26.07 30.81 2.65
N GLN A 43 25.92 29.89 3.62
CA GLN A 43 26.25 28.49 3.39
C GLN A 43 24.96 27.67 3.35
N SER A 44 24.91 26.70 2.44
CA SER A 44 23.74 25.88 2.24
C SER A 44 23.50 25.00 3.45
N LYS A 45 22.25 24.95 3.87
CA LYS A 45 21.85 24.11 4.99
C LYS A 45 20.70 23.28 4.46
N VAL A 46 20.98 22.02 4.12
CA VAL A 46 19.99 21.17 3.48
C VAL A 46 19.65 20.01 4.39
N GLU A 47 18.62 20.18 5.21
CA GLU A 47 18.28 19.21 6.23
C GLU A 47 17.09 18.38 5.80
N ILE A 48 17.26 17.08 5.94
CA ILE A 48 16.21 16.13 5.64
C ILE A 48 15.54 15.81 6.95
N ASN A 49 14.26 16.12 7.04
CA ASN A 49 13.48 15.87 8.25
C ASN A 49 12.61 14.66 8.05
N ILE A 50 12.66 13.71 8.98
CA ILE A 50 11.88 12.50 8.91
C ILE A 50 10.98 12.52 10.14
N VAL A 51 9.68 12.55 9.91
CA VAL A 51 8.73 12.80 11.00
C VAL A 51 7.70 11.68 11.08
N GLY A 52 7.61 11.09 12.26
CA GLY A 52 6.64 10.03 12.49
C GLY A 52 5.47 10.53 13.31
N SER A 53 4.66 9.62 13.81
CA SER A 53 3.65 10.01 14.78
C SER A 53 4.33 10.54 16.04
N GLY A 60 7.89 11.30 16.85
CA GLY A 60 9.35 11.35 16.78
C GLY A 60 9.83 11.94 15.47
N SER A 61 10.80 12.84 15.55
CA SER A 61 11.38 13.43 14.33
C SER A 61 12.89 13.26 14.37
N VAL A 62 13.48 13.05 13.20
CA VAL A 62 14.91 12.86 13.07
C VAL A 62 15.30 13.83 11.96
N THR A 63 16.46 14.44 12.09
CA THR A 63 16.93 15.34 11.03
C THR A 63 18.29 14.86 10.56
N ILE A 64 18.46 14.68 9.25
CA ILE A 64 19.73 14.29 8.69
C ILE A 64 20.28 15.52 7.98
N GLY A 65 21.35 16.08 8.53
CA GLY A 65 21.89 17.32 7.98
C GLY A 65 22.98 17.00 7.01
N ASN A 66 23.00 17.71 5.89
CA ASN A 66 24.12 17.64 4.98
C ASN A 66 24.44 16.22 4.54
N ALA A 67 23.48 15.52 3.92
CA ALA A 67 23.71 14.12 3.57
C ALA A 67 24.80 14.01 2.54
N HIS A 68 24.86 14.99 1.64
CA HIS A 68 25.96 15.07 0.71
C HIS A 68 26.41 16.52 0.75
N ASP A 69 27.64 16.77 0.30
CA ASP A 69 28.13 18.15 0.17
C ASP A 69 27.64 18.83 -1.12
N ASP A 70 27.38 18.05 -2.14
CA ASP A 70 26.90 18.52 -3.44
C ASP A 70 25.38 18.46 -3.46
N LEU A 71 24.80 18.84 -4.59
CA LEU A 71 23.34 18.87 -4.75
C LEU A 71 22.73 17.51 -4.46
N ILE A 72 21.60 17.51 -3.76
CA ILE A 72 20.82 16.31 -3.52
C ILE A 72 19.57 16.28 -4.42
N HIS A 73 19.47 15.24 -5.24
CA HIS A 73 18.38 15.20 -6.21
C HIS A 73 17.20 14.34 -5.81
N ASP A 74 17.41 13.42 -4.87
CA ASP A 74 16.33 12.60 -4.36
C ASP A 74 16.69 12.10 -2.97
N ALA A 75 15.66 11.80 -2.19
CA ALA A 75 15.77 11.33 -0.81
C ALA A 75 14.49 10.56 -0.57
N VAL A 76 14.58 9.25 -0.30
CA VAL A 76 13.39 8.44 -0.21
C VAL A 76 13.57 7.35 0.85
N LEU A 77 12.63 7.25 1.77
CA LEU A 77 12.64 6.13 2.70
C LEU A 77 12.22 4.82 2.05
N ASP A 78 12.71 3.70 2.58
CA ASP A 78 12.20 2.39 2.19
C ASP A 78 10.79 2.19 2.76
N TYR A 79 10.13 1.12 2.33
CA TYR A 79 8.69 1.00 2.61
C TYR A 79 8.41 0.75 4.11
N TYR A 80 9.38 0.25 4.84
CA TYR A 80 9.20 0.07 6.29
C TYR A 80 9.70 1.28 7.10
N GLY A 81 10.20 2.32 6.42
CA GLY A 81 10.70 3.50 7.10
C GLY A 81 11.93 3.26 7.96
N ARG A 82 12.70 2.24 7.60
CA ARG A 82 13.90 1.85 8.34
C ARG A 82 15.19 2.38 7.71
N ARG A 83 15.16 2.69 6.41
CA ARG A 83 16.35 3.13 5.67
C ARG A 83 16.00 4.37 4.87
N LEU A 84 17.01 5.20 4.62
CA LEU A 84 16.86 6.39 3.79
C LEU A 84 17.92 6.28 2.71
N ALA A 85 17.51 6.47 1.45
CA ALA A 85 18.48 6.61 0.35
C ALA A 85 18.47 8.01 -0.18
N THR A 86 19.66 8.61 -0.35
CA THR A 86 19.78 9.95 -0.91
C THR A 86 20.75 9.89 -2.03
N CYS A 87 20.55 10.70 -3.06
CA CYS A 87 21.44 10.64 -4.21
C CYS A 87 21.83 12.05 -4.68
N SER A 88 22.96 12.15 -5.38
CA SER A 88 23.63 13.43 -5.53
C SER A 88 24.40 13.65 -6.85
N SER A 89 24.65 14.91 -7.16
CA SER A 89 25.57 15.28 -8.22
C SER A 89 26.98 14.80 -7.94
N ASP A 90 27.25 14.37 -6.71
CA ASP A 90 28.56 13.78 -6.39
C ASP A 90 28.71 12.34 -6.90
N LYS A 91 27.71 11.86 -7.63
CA LYS A 91 27.75 10.56 -8.31
C LYS A 91 27.47 9.38 -7.41
N THR A 92 27.11 9.65 -6.15
CA THR A 92 26.87 8.57 -5.21
C THR A 92 25.46 8.54 -4.66
N ILE A 93 25.13 7.40 -4.09
CA ILE A 93 23.92 7.23 -3.29
C ILE A 93 24.36 6.89 -1.87
N LYS A 94 23.74 7.52 -0.88
CA LYS A 94 24.04 7.19 0.53
C LYS A 94 22.84 6.49 1.16
N ILE A 95 23.10 5.45 1.95
CA ILE A 95 22.06 4.71 2.64
C ILE A 95 22.25 4.94 4.13
N PHE A 96 21.20 5.41 4.79
CA PHE A 96 21.20 5.67 6.24
C PHE A 96 20.24 4.70 6.89
N GLU A 97 20.59 4.21 8.07
CA GLU A 97 19.63 3.48 8.89
C GLU A 97 18.98 4.48 9.85
N ILE A 98 17.65 4.48 9.95
CA ILE A 98 16.94 5.54 10.67
C ILE A 98 15.90 4.96 11.63
N GLN A 103 20.01 7.73 13.87
CA GLN A 103 20.42 7.68 12.46
C GLN A 103 21.88 7.27 12.39
N ARG A 104 22.25 6.51 11.36
CA ARG A 104 23.66 6.34 11.00
C ARG A 104 23.82 6.08 9.49
N LEU A 105 24.90 6.63 8.92
CA LEU A 105 25.27 6.29 7.55
C LEU A 105 25.83 4.87 7.49
N VAL A 106 25.23 4.03 6.65
CA VAL A 106 25.54 2.62 6.52
C VAL A 106 26.44 2.32 5.32
N GLU A 107 26.23 3.01 4.22
CA GLU A 107 26.97 2.70 3.03
C GLU A 107 26.88 3.84 2.05
N THR A 108 27.93 3.95 1.24
CA THR A 108 27.91 4.80 0.06
C THR A 108 28.01 3.93 -1.16
N LEU A 109 27.04 4.07 -2.05
CA LEU A 109 26.96 3.25 -3.26
C LEU A 109 27.68 3.96 -4.41
N ILE A 110 28.80 3.38 -4.81
CA ILE A 110 29.71 3.99 -5.79
C ILE A 110 29.67 3.14 -7.06
N GLY A 111 29.46 3.81 -8.17
CA GLY A 111 29.41 3.11 -9.45
C GLY A 111 29.05 4.04 -10.60
N HIS A 112 28.15 4.96 -10.35
CA HIS A 112 27.75 5.90 -11.39
C HIS A 112 28.91 6.84 -11.74
N GLU A 113 28.93 7.31 -12.99
CA GLU A 113 29.98 8.18 -13.49
C GLU A 113 29.50 9.62 -13.70
N GLY A 114 28.24 9.87 -13.39
CA GLY A 114 27.70 11.22 -13.44
C GLY A 114 26.66 11.39 -12.33
N PRO A 115 26.07 12.59 -12.25
CA PRO A 115 25.04 12.84 -11.24
C PRO A 115 23.95 11.76 -11.21
N VAL A 116 23.52 11.38 -10.00
CA VAL A 116 22.41 10.45 -9.81
C VAL A 116 21.13 11.28 -9.57
N TRP A 117 20.14 11.11 -10.44
CA TRP A 117 18.96 11.95 -10.43
C TRP A 117 17.80 11.45 -9.58
N GLN A 118 17.62 10.12 -9.50
CA GLN A 118 16.54 9.54 -8.75
C GLN A 118 16.90 8.15 -8.28
N VAL A 119 16.32 7.77 -7.16
CA VAL A 119 16.37 6.41 -6.68
C VAL A 119 14.94 5.91 -6.38
N ALA A 120 14.74 4.58 -6.40
CA ALA A 120 13.45 4.01 -6.11
C ALA A 120 13.61 2.64 -5.47
N TRP A 121 12.82 2.40 -4.43
CA TRP A 121 12.82 1.13 -3.71
C TRP A 121 11.86 0.13 -4.32
N ALA A 122 12.30 -1.11 -4.46
CA ALA A 122 11.41 -2.17 -4.90
C ALA A 122 10.45 -2.56 -3.78
N HIS A 123 9.33 -3.14 -4.17
CA HIS A 123 8.41 -3.70 -3.17
C HIS A 123 9.16 -4.70 -2.33
N PRO A 124 8.96 -4.68 -1.02
CA PRO A 124 9.71 -5.57 -0.12
C PRO A 124 9.60 -7.08 -0.41
N LYS A 125 8.57 -7.50 -1.12
CA LYS A 125 8.50 -8.93 -1.46
C LYS A 125 9.67 -9.38 -2.28
N PHE A 126 10.33 -8.47 -3.00
CA PHE A 126 11.48 -8.82 -3.82
C PHE A 126 12.80 -8.77 -3.08
N GLY A 127 12.80 -8.18 -1.90
CA GLY A 127 14.03 -8.01 -1.13
C GLY A 127 14.22 -6.55 -0.75
N VAL A 128 15.41 -6.21 -0.26
CA VAL A 128 15.77 -4.82 0.01
C VAL A 128 16.59 -4.37 -1.20
N ILE A 129 15.93 -3.68 -2.14
CA ILE A 129 16.51 -3.45 -3.45
C ILE A 129 16.25 -1.99 -3.85
N LEU A 130 17.26 -1.35 -4.38
CA LEU A 130 17.18 0.06 -4.78
C LEU A 130 17.61 0.16 -6.24
N ALA A 131 16.86 0.90 -7.04
CA ALA A 131 17.31 1.25 -8.39
C ALA A 131 17.73 2.69 -8.39
N SER A 132 18.77 3.03 -9.18
CA SER A 132 19.22 4.39 -9.30
C SER A 132 19.40 4.72 -10.79
N CYS A 133 19.08 5.95 -11.16
CA CYS A 133 19.35 6.37 -12.53
C CYS A 133 20.25 7.61 -12.53
N SER A 134 20.97 7.77 -13.63
CA SER A 134 22.05 8.74 -13.66
C SER A 134 22.23 9.39 -15.02
N TYR A 135 22.82 10.57 -14.97
CA TYR A 135 23.31 11.28 -16.15
C TYR A 135 24.17 10.35 -17.00
N ASP A 136 24.83 9.38 -16.38
CA ASP A 136 25.75 8.49 -17.12
C ASP A 136 25.07 7.53 -18.06
N GLY A 137 23.73 7.53 -18.08
CA GLY A 137 22.96 6.69 -18.99
C GLY A 137 22.63 5.29 -18.49
N LYS A 138 23.00 4.99 -17.25
CA LYS A 138 22.76 3.68 -16.65
C LYS A 138 21.72 3.73 -15.56
N VAL A 139 21.03 2.62 -15.43
CA VAL A 139 20.24 2.30 -14.26
C VAL A 139 20.98 1.17 -13.56
N LEU A 140 21.33 1.38 -12.29
CA LEU A 140 21.99 0.37 -11.50
C LEU A 140 21.02 -0.14 -10.46
N ILE A 141 21.10 -1.44 -10.19
CA ILE A 141 20.25 -2.09 -9.22
C ILE A 141 21.16 -2.59 -8.11
N TRP A 142 20.81 -2.23 -6.88
CA TRP A 142 21.61 -2.48 -5.68
C TRP A 142 20.74 -3.31 -4.74
N LYS A 143 21.36 -4.22 -3.99
CA LYS A 143 20.59 -5.08 -3.10
C LYS A 143 21.34 -5.23 -1.79
N GLU A 144 20.57 -5.23 -0.69
CA GLU A 144 21.11 -5.43 0.64
C GLU A 144 20.86 -6.87 1.06
N ASP A 145 21.94 -7.55 1.43
CA ASP A 145 21.85 -8.94 1.96
C ASP A 145 22.69 -8.99 3.21
N ASN A 146 22.13 -9.48 4.31
CA ASN A 146 22.88 -9.55 5.57
C ASN A 146 23.59 -8.25 5.90
N GLY A 147 22.88 -7.13 5.70
CA GLY A 147 23.34 -5.84 6.14
C GLY A 147 24.37 -5.20 5.23
N VAL A 148 24.70 -5.86 4.13
CA VAL A 148 25.65 -5.25 3.21
C VAL A 148 25.05 -5.06 1.83
N TRP A 149 25.52 -4.00 1.17
CA TRP A 149 25.01 -3.61 -0.12
C TRP A 149 25.95 -4.03 -1.22
N ASN A 150 25.38 -4.53 -2.31
CA ASN A 150 26.15 -4.86 -3.50
C ASN A 150 25.38 -4.44 -4.75
N LYS A 151 26.10 -4.07 -5.79
CA LYS A 151 25.49 -3.87 -7.10
C LYS A 151 25.14 -5.24 -7.66
N VAL A 152 23.92 -5.43 -8.13
CA VAL A 152 23.48 -6.74 -8.62
C VAL A 152 23.06 -6.76 -10.10
N ALA A 153 22.83 -5.60 -10.69
CA ALA A 153 22.48 -5.56 -12.10
C ALA A 153 22.67 -4.17 -12.67
N GLU A 154 22.77 -4.12 -13.98
CA GLU A 154 22.91 -2.86 -14.72
C GLU A 154 21.97 -2.92 -15.92
N HIS A 155 21.29 -1.82 -16.18
CA HIS A 155 20.39 -1.69 -17.31
C HIS A 155 20.90 -0.50 -18.11
N SER A 156 21.52 -0.78 -19.25
CA SER A 156 22.29 0.21 -19.98
C SER A 156 21.87 0.28 -21.42
N VAL A 157 20.62 0.60 -21.66
CA VAL A 157 20.10 0.66 -23.02
C VAL A 157 20.00 2.08 -23.59
N HIS A 158 20.11 3.09 -22.73
CA HIS A 158 19.95 4.47 -23.18
C HIS A 158 21.26 5.11 -23.56
N GLN A 159 21.19 6.02 -24.54
CA GLN A 159 22.36 6.70 -25.00
C GLN A 159 22.36 8.15 -24.52
N ALA A 160 21.82 8.38 -23.31
CA ALA A 160 21.68 9.73 -22.80
C ALA A 160 21.31 9.61 -21.33
N SER A 161 21.34 10.74 -20.64
CA SER A 161 20.89 10.76 -19.25
C SER A 161 19.57 10.01 -19.06
N VAL A 162 19.50 9.24 -17.98
CA VAL A 162 18.26 8.59 -17.57
C VAL A 162 17.75 9.37 -16.37
N ASN A 163 16.54 9.92 -16.51
CA ASN A 163 16.03 10.99 -15.64
C ASN A 163 15.07 10.54 -14.56
N SER A 164 14.42 9.39 -14.74
CA SER A 164 13.54 8.85 -13.73
C SER A 164 13.51 7.34 -13.79
N VAL A 165 13.20 6.75 -12.64
CA VAL A 165 12.99 5.34 -12.48
C VAL A 165 11.85 5.10 -11.51
N SER A 166 11.02 4.12 -11.84
CA SER A 166 9.90 3.77 -10.99
C SER A 166 9.55 2.31 -11.10
N TRP A 167 9.37 1.67 -9.95
CA TRP A 167 9.00 0.26 -9.92
C TRP A 167 7.49 0.10 -10.12
N ALA A 168 7.13 -0.93 -10.88
CA ALA A 168 5.74 -1.25 -11.13
C ALA A 168 5.02 -1.71 -9.88
N PRO A 169 3.68 -1.64 -9.92
CA PRO A 169 2.86 -2.44 -9.00
C PRO A 169 3.42 -3.85 -8.89
N HIS A 170 3.52 -4.37 -7.67
CA HIS A 170 4.26 -5.60 -7.48
C HIS A 170 3.63 -6.79 -8.19
N GLU A 171 2.35 -6.69 -8.50
CA GLU A 171 1.64 -7.75 -9.22
C GLU A 171 2.22 -8.01 -10.60
N TYR A 172 2.86 -7.01 -11.20
CA TYR A 172 3.48 -7.15 -12.52
C TYR A 172 4.85 -7.84 -12.47
N GLY A 173 5.38 -8.06 -11.27
CA GLY A 173 6.73 -8.51 -11.12
C GLY A 173 7.66 -7.38 -10.78
N PRO A 174 8.95 -7.68 -10.63
CA PRO A 174 9.92 -6.62 -10.31
C PRO A 174 10.29 -5.89 -11.59
N VAL A 175 9.44 -4.96 -12.01
CA VAL A 175 9.60 -4.31 -13.31
C VAL A 175 9.90 -2.83 -13.11
N LEU A 176 10.90 -2.33 -13.81
CA LEU A 176 11.32 -0.94 -13.72
C LEU A 176 10.94 -0.19 -14.97
N LEU A 177 10.47 1.05 -14.77
CA LEU A 177 10.11 1.98 -15.83
C LEU A 177 11.10 3.12 -15.78
N CYS A 178 11.75 3.41 -16.92
CA CYS A 178 12.83 4.39 -16.97
C CYS A 178 12.58 5.39 -18.10
N ALA A 179 12.81 6.67 -17.84
CA ALA A 179 12.65 7.72 -18.85
C ALA A 179 14.00 8.37 -19.15
N SER A 180 14.34 8.56 -20.44
CA SER A 180 15.64 9.10 -20.81
C SER A 180 15.57 10.33 -21.74
N SER A 181 16.61 11.15 -21.63
CA SER A 181 16.84 12.29 -22.56
C SER A 181 17.06 11.87 -24.00
N ASP A 182 17.24 10.58 -24.24
CA ASP A 182 17.30 10.08 -25.63
C ASP A 182 15.92 9.94 -26.32
N GLY A 183 14.87 10.33 -25.62
CA GLY A 183 13.52 10.29 -26.17
C GLY A 183 12.83 8.96 -25.93
N LYS A 184 13.54 8.01 -25.35
CA LYS A 184 13.02 6.67 -25.17
C LYS A 184 12.57 6.39 -23.74
N ILE A 185 11.69 5.41 -23.62
CA ILE A 185 11.22 4.90 -22.34
C ILE A 185 11.56 3.42 -22.35
N SER A 186 12.12 2.90 -21.27
CA SER A 186 12.39 1.46 -21.19
C SER A 186 11.65 0.84 -20.03
N ILE A 187 11.25 -0.41 -20.22
CA ILE A 187 10.49 -1.15 -19.23
C ILE A 187 11.18 -2.48 -19.15
N VAL A 188 11.70 -2.82 -17.97
CA VAL A 188 12.51 -4.04 -17.89
C VAL A 188 12.27 -4.80 -16.60
N GLU A 189 12.15 -6.12 -16.69
CA GLU A 189 12.02 -6.95 -15.50
C GLU A 189 13.40 -7.38 -14.98
N PHE A 190 13.60 -7.23 -13.67
CA PHE A 190 14.82 -7.64 -12.99
C PHE A 190 14.66 -9.11 -12.61
N LYS A 191 15.49 -9.97 -13.17
CA LYS A 191 15.36 -11.40 -12.94
C LYS A 191 16.64 -12.09 -13.32
N ASP A 192 17.04 -13.08 -12.50
CA ASP A 192 18.27 -13.83 -12.71
C ASP A 192 19.49 -12.93 -12.56
N GLY A 193 19.47 -12.08 -11.54
CA GLY A 193 20.58 -11.17 -11.30
C GLY A 193 20.92 -10.27 -12.48
N GLY A 194 19.96 -10.08 -13.39
CA GLY A 194 20.16 -9.21 -14.52
C GLY A 194 18.88 -8.50 -14.97
N ALA A 195 19.02 -7.66 -15.98
CA ALA A 195 17.90 -6.91 -16.54
C ALA A 195 17.85 -7.24 -18.02
N LEU A 196 17.33 -8.40 -18.38
CA LEU A 196 17.78 -8.98 -19.64
C LEU A 196 16.82 -8.88 -20.84
N GLU A 197 15.53 -8.63 -20.63
CA GLU A 197 14.56 -8.53 -21.73
C GLU A 197 13.74 -7.23 -21.74
N PRO A 198 14.42 -6.11 -22.00
CA PRO A 198 13.74 -4.81 -21.93
C PRO A 198 12.83 -4.55 -23.13
N ILE A 199 11.77 -3.77 -22.89
CA ILE A 199 10.99 -3.17 -23.95
C ILE A 199 11.48 -1.71 -24.01
N VAL A 200 11.88 -1.26 -25.18
CA VAL A 200 12.32 0.12 -25.32
C VAL A 200 11.48 0.75 -26.40
N ILE A 201 10.81 1.84 -26.05
CA ILE A 201 9.92 2.51 -26.98
C ILE A 201 10.34 3.95 -27.16
N GLN A 202 10.07 4.48 -28.36
CA GLN A 202 10.21 5.90 -28.61
C GLN A 202 9.06 6.61 -27.90
N GLY A 203 9.39 7.50 -26.97
CA GLY A 203 8.36 8.11 -26.15
C GLY A 203 7.98 9.52 -26.51
N HIS A 204 8.97 10.41 -26.52
CA HIS A 204 8.77 11.83 -26.75
C HIS A 204 9.87 12.34 -27.65
N ALA A 205 9.53 13.31 -28.51
CA ALA A 205 10.56 14.03 -29.21
C ALA A 205 11.45 14.78 -28.21
N ILE A 206 12.72 14.86 -28.56
CA ILE A 206 13.76 15.61 -27.83
C ILE A 206 14.20 14.93 -26.53
N GLY A 207 13.26 14.53 -25.66
CA GLY A 207 13.66 13.85 -24.45
C GLY A 207 12.43 13.55 -23.57
N VAL A 208 12.59 12.56 -22.70
CA VAL A 208 11.59 12.19 -21.67
C VAL A 208 12.12 12.47 -20.27
N ASN A 209 11.33 13.18 -19.45
CA ASN A 209 11.82 13.56 -18.13
C ASN A 209 11.28 12.76 -16.99
N ALA A 210 10.12 12.14 -17.18
CA ALA A 210 9.48 11.39 -16.13
C ALA A 210 8.51 10.38 -16.70
N ALA A 211 8.34 9.28 -15.99
CA ALA A 211 7.32 8.30 -16.29
C ALA A 211 6.90 7.60 -15.00
N SER A 212 5.58 7.43 -14.83
CA SER A 212 4.97 6.91 -13.61
C SER A 212 3.89 5.90 -13.92
N TRP A 213 3.81 4.87 -13.09
CA TRP A 213 2.81 3.81 -13.28
C TRP A 213 1.41 4.20 -12.84
N ALA A 214 0.39 3.74 -13.57
CA ALA A 214 -0.95 3.78 -13.04
C ALA A 214 -1.14 2.72 -11.96
N PRO A 215 -2.08 2.95 -11.05
CA PRO A 215 -2.44 1.86 -10.14
C PRO A 215 -3.07 0.70 -10.90
N ILE A 216 -3.05 -0.49 -10.29
CA ILE A 216 -3.70 -1.63 -10.93
C ILE A 216 -5.19 -1.40 -11.20
N SER A 217 -5.65 -1.90 -12.35
CA SER A 217 -7.04 -1.75 -12.76
C SER A 217 -7.82 -3.02 -12.42
N ASN A 221 -7.73 -5.67 -15.94
CA ASN A 221 -6.30 -5.83 -15.76
C ASN A 221 -5.42 -5.08 -16.77
N THR A 222 -5.79 -3.87 -17.19
CA THR A 222 -4.96 -3.18 -18.17
C THR A 222 -3.79 -2.47 -17.50
N ARG A 223 -2.59 -2.68 -18.01
CA ARG A 223 -1.40 -2.12 -17.44
C ARG A 223 -1.06 -0.82 -18.15
N ARG A 224 -1.01 0.27 -17.40
CA ARG A 224 -0.72 1.59 -18.01
C ARG A 224 0.35 2.36 -17.26
N PHE A 225 0.96 3.31 -17.97
CA PHE A 225 1.78 4.33 -17.33
C PHE A 225 1.63 5.66 -18.07
N VAL A 226 2.10 6.73 -17.44
CA VAL A 226 2.03 8.06 -18.02
C VAL A 226 3.45 8.63 -18.12
N SER A 227 3.74 9.46 -19.14
CA SER A 227 5.06 10.04 -19.31
C SER A 227 4.95 11.49 -19.71
N GLY A 228 6.02 12.22 -19.44
CA GLY A 228 6.09 13.64 -19.80
C GLY A 228 7.47 13.96 -20.32
N GLY A 229 7.51 14.86 -21.29
CA GLY A 229 8.78 15.20 -21.88
C GLY A 229 8.95 16.56 -22.52
N CYS A 230 9.94 16.58 -23.39
CA CYS A 230 10.47 17.80 -23.96
C CYS A 230 9.77 18.29 -25.21
N ASP A 231 8.73 17.57 -25.58
CA ASP A 231 7.81 17.94 -26.64
C ASP A 231 6.58 18.63 -26.02
N ASN A 232 6.64 18.87 -24.71
CA ASN A 232 5.57 19.53 -23.95
C ASN A 232 4.29 18.70 -23.84
N LEU A 233 4.37 17.43 -24.20
CA LEU A 233 3.23 16.53 -24.15
C LEU A 233 3.29 15.60 -22.93
N VAL A 234 2.09 15.20 -22.49
CA VAL A 234 1.89 14.14 -21.52
C VAL A 234 1.24 12.98 -22.29
N LYS A 235 1.80 11.79 -22.17
CA LYS A 235 1.31 10.61 -22.89
C LYS A 235 0.91 9.51 -21.93
N ILE A 236 -0.16 8.80 -22.27
CA ILE A 236 -0.57 7.60 -21.57
C ILE A 236 -0.35 6.38 -22.49
N TRP A 237 0.22 5.34 -21.90
CA TRP A 237 0.64 4.14 -22.61
C TRP A 237 -0.06 2.93 -22.01
N ARG A 238 -0.41 1.97 -22.85
CA ARG A 238 -1.05 0.78 -22.38
C ARG A 238 -0.37 -0.46 -22.95
N TYR A 239 -0.25 -1.49 -22.13
CA TYR A 239 0.33 -2.73 -22.60
C TYR A 239 -0.71 -3.45 -23.45
N ASP A 240 -0.36 -3.79 -24.68
CA ASP A 240 -1.35 -4.43 -25.57
C ASP A 240 -0.99 -5.89 -25.75
N ASP A 241 -1.93 -6.78 -25.40
CA ASP A 241 -1.68 -8.23 -25.39
C ASP A 241 -1.34 -8.76 -26.79
N ALA A 242 -2.02 -8.24 -27.80
CA ALA A 242 -1.82 -8.67 -29.18
C ALA A 242 -0.50 -8.16 -29.76
N ALA A 243 -0.12 -6.95 -29.39
CA ALA A 243 1.12 -6.38 -29.89
C ALA A 243 2.32 -6.78 -29.03
N LYS A 244 2.04 -7.19 -27.80
CA LYS A 244 3.08 -7.58 -26.85
C LYS A 244 4.07 -6.45 -26.56
N THR A 245 3.57 -5.22 -26.51
CA THR A 245 4.43 -4.08 -26.18
C THR A 245 3.53 -2.98 -25.67
N PHE A 246 4.11 -1.81 -25.36
CA PHE A 246 3.29 -0.69 -24.91
C PHE A 246 2.99 0.23 -26.07
N ILE A 247 1.72 0.60 -26.17
CA ILE A 247 1.26 1.47 -27.23
C ILE A 247 0.69 2.78 -26.68
N GLU A 248 0.87 3.83 -27.45
CA GLU A 248 0.43 5.15 -27.06
C GLU A 248 -1.09 5.26 -27.13
N GLU A 249 -1.72 5.52 -25.98
CA GLU A 249 -3.18 5.62 -25.89
C GLU A 249 -3.73 7.05 -25.94
N GLU A 250 -2.98 7.98 -25.35
CA GLU A 250 -3.38 9.38 -25.28
C GLU A 250 -2.16 10.24 -25.38
N ALA A 251 -2.29 11.42 -25.98
CA ALA A 251 -1.24 12.41 -25.99
C ALA A 251 -1.87 13.76 -25.70
N PHE A 252 -1.66 14.23 -24.48
CA PHE A 252 -2.33 15.42 -23.94
C PHE A 252 -1.54 16.72 -24.21
N GLN A 253 -2.20 17.65 -24.88
CA GLN A 253 -1.67 19.01 -25.09
C GLN A 253 -2.09 19.93 -23.95
N GLY A 254 -1.24 20.88 -23.61
CA GLY A 254 -1.62 21.87 -22.61
C GLY A 254 -0.45 22.68 -22.10
N HIS A 255 0.64 22.00 -21.77
CA HIS A 255 1.83 22.66 -21.30
C HIS A 255 2.56 23.41 -22.41
N SER A 256 3.17 24.53 -22.04
CA SER A 256 3.87 25.35 -23.01
C SER A 256 5.37 25.22 -22.92
N ASP A 257 5.86 24.33 -22.05
CA ASP A 257 7.29 24.08 -21.92
C ASP A 257 7.42 22.67 -21.33
N TRP A 258 8.66 22.24 -21.12
CA TRP A 258 8.92 20.83 -20.88
C TRP A 258 8.15 20.34 -19.68
N VAL A 259 7.60 19.14 -19.80
CA VAL A 259 6.96 18.49 -18.66
C VAL A 259 8.07 17.84 -17.83
N ARG A 260 8.09 18.15 -16.56
CA ARG A 260 9.16 17.72 -15.67
C ARG A 260 8.77 16.56 -14.76
N ASP A 261 7.50 16.45 -14.38
CA ASP A 261 7.06 15.32 -13.59
C ASP A 261 5.60 14.98 -13.90
N VAL A 262 5.28 13.70 -13.72
CA VAL A 262 3.95 13.19 -13.90
C VAL A 262 3.63 12.27 -12.72
N ALA A 263 2.41 12.36 -12.23
CA ALA A 263 1.98 11.59 -11.05
C ALA A 263 0.57 11.09 -11.22
N TRP A 264 0.42 9.78 -11.15
CA TRP A 264 -0.87 9.11 -11.30
C TRP A 264 -1.37 8.73 -9.90
N SER A 265 -2.48 9.32 -9.47
CA SER A 265 -2.94 9.14 -8.10
C SER A 265 -3.26 7.69 -7.81
N PRO A 266 -2.79 7.17 -6.65
CA PRO A 266 -2.97 5.75 -6.31
C PRO A 266 -4.29 5.40 -5.74
N SER A 267 -5.14 6.38 -5.59
CA SER A 267 -6.52 6.00 -5.41
C SER A 267 -6.84 5.14 -6.63
N ARG A 268 -7.38 3.95 -6.42
CA ARG A 268 -7.96 3.22 -7.55
C ARG A 268 -9.43 2.91 -7.24
N LEU A 269 -10.19 4.00 -7.14
CA LEU A 269 -11.63 3.98 -7.21
C LEU A 269 -11.98 4.74 -8.47
N SER A 270 -13.03 4.26 -9.14
CA SER A 270 -13.46 4.73 -10.45
C SER A 270 -12.65 5.89 -11.09
N LYS A 271 -12.70 7.08 -10.49
CA LYS A 271 -12.22 8.30 -11.14
C LYS A 271 -10.69 8.52 -11.09
N SER A 272 -10.06 8.68 -12.26
CA SER A 272 -8.61 8.75 -12.32
C SER A 272 -8.15 10.20 -12.26
N TYR A 273 -7.01 10.41 -11.59
CA TYR A 273 -6.37 11.71 -11.46
C TYR A 273 -4.90 11.60 -11.79
N ILE A 274 -4.43 12.46 -12.68
CA ILE A 274 -3.03 12.60 -12.99
C ILE A 274 -2.63 14.06 -12.87
N ALA A 275 -1.51 14.33 -12.21
CA ALA A 275 -0.97 15.68 -12.13
C ALA A 275 0.27 15.75 -12.98
N THR A 276 0.46 16.81 -13.74
CA THR A 276 1.66 17.01 -14.53
C THR A 276 2.25 18.36 -14.21
N ALA A 277 3.53 18.34 -13.86
CA ALA A 277 4.26 19.55 -13.45
C ALA A 277 5.24 19.97 -14.53
N SER A 278 5.29 21.26 -14.85
CA SER A 278 6.04 21.70 -16.03
C SER A 278 6.98 22.88 -15.70
N GLN A 279 8.04 23.00 -16.45
CA GLN A 279 8.85 24.19 -16.33
C GLN A 279 8.17 25.44 -16.90
N ASP A 280 6.97 25.29 -17.50
CA ASP A 280 6.10 26.42 -17.77
C ASP A 280 5.50 27.06 -16.52
N ARG A 281 5.87 26.53 -15.36
CA ARG A 281 5.45 27.06 -14.08
C ARG A 281 3.99 26.76 -13.72
N THR A 282 3.45 25.66 -14.27
CA THR A 282 2.09 25.30 -13.97
C THR A 282 2.02 23.82 -13.73
N VAL A 283 0.95 23.42 -13.04
CA VAL A 283 0.55 22.04 -12.93
C VAL A 283 -0.82 21.89 -13.57
N LEU A 284 -0.99 20.84 -14.38
CA LEU A 284 -2.29 20.52 -14.95
C LEU A 284 -2.79 19.26 -14.28
N ILE A 285 -4.09 19.21 -14.00
CA ILE A 285 -4.74 18.04 -13.41
C ILE A 285 -5.65 17.45 -14.46
N TRP A 286 -5.39 16.20 -14.82
CA TRP A 286 -6.16 15.50 -15.82
C TRP A 286 -7.04 14.48 -15.10
N THR A 287 -8.31 14.43 -15.46
CA THR A 287 -9.22 13.50 -14.79
C THR A 287 -10.10 12.76 -15.77
N LYS A 288 -10.50 11.55 -15.39
CA LYS A 288 -11.38 10.71 -16.19
C LYS A 288 -12.38 10.06 -15.26
N ASP A 289 -13.66 10.28 -15.52
CA ASP A 289 -14.71 9.68 -14.70
C ASP A 289 -14.73 8.19 -14.94
N GLY A 290 -15.03 7.44 -13.89
CA GLY A 290 -15.01 6.00 -13.97
C GLY A 290 -15.81 5.48 -15.14
N LYS A 291 -16.94 6.12 -15.40
CA LYS A 291 -17.85 5.66 -16.44
C LYS A 291 -17.70 6.45 -17.73
N SER A 292 -16.53 7.06 -17.92
CA SER A 292 -16.23 7.78 -19.16
C SER A 292 -14.92 7.30 -19.76
N ASN A 293 -14.81 7.39 -21.08
CA ASN A 293 -13.52 7.21 -21.73
C ASN A 293 -12.88 8.56 -21.97
N LYS A 294 -13.55 9.64 -21.56
CA LYS A 294 -13.06 11.00 -21.85
C LYS A 294 -12.24 11.60 -20.69
N TRP A 295 -11.08 12.16 -21.04
CA TRP A 295 -10.25 12.92 -20.09
C TRP A 295 -10.54 14.43 -20.15
N GLU A 296 -10.40 15.10 -19.02
CA GLU A 296 -10.65 16.53 -18.94
C GLU A 296 -9.45 17.14 -18.22
N LYS A 297 -9.13 18.40 -18.50
CA LYS A 297 -8.01 19.03 -17.82
C LYS A 297 -8.42 20.32 -17.14
N GLN A 298 -7.71 20.61 -16.06
CA GLN A 298 -7.93 21.81 -15.26
C GLN A 298 -6.59 22.28 -14.70
N PRO A 299 -6.30 23.58 -14.76
CA PRO A 299 -5.11 24.04 -14.07
C PRO A 299 -5.23 23.90 -12.58
N LEU A 300 -4.12 23.63 -11.93
CA LEU A 300 -4.12 23.52 -10.48
C LEU A 300 -4.38 24.87 -9.82
N THR A 301 -3.80 25.90 -10.40
CA THR A 301 -3.80 27.22 -9.77
C THR A 301 -4.22 28.27 -10.78
N LYS A 302 -4.73 29.39 -10.26
CA LYS A 302 -5.18 30.48 -11.09
C LYS A 302 -4.01 31.19 -11.76
N GLU A 303 -2.94 31.37 -11.00
CA GLU A 303 -1.75 32.01 -11.51
C GLU A 303 -0.60 31.03 -11.59
N LYS A 304 0.39 31.37 -12.41
CA LYS A 304 1.63 30.59 -12.50
C LYS A 304 2.29 30.55 -11.15
N PHE A 305 3.02 29.47 -10.89
CA PHE A 305 3.95 29.43 -9.78
C PHE A 305 5.05 30.46 -10.03
N PRO A 306 5.83 30.78 -9.00
CA PRO A 306 6.89 31.79 -9.17
C PRO A 306 8.09 31.31 -9.98
N ASP A 307 8.18 30.00 -10.19
CA ASP A 307 9.37 29.39 -10.80
C ASP A 307 8.88 27.99 -11.26
N VAL A 308 9.79 27.20 -11.80
CA VAL A 308 9.41 25.92 -12.38
C VAL A 308 8.72 25.03 -11.37
N CYS A 309 7.81 24.16 -11.86
CA CYS A 309 7.22 23.08 -11.08
C CYS A 309 7.98 21.80 -11.42
N TRP A 310 8.60 21.20 -10.42
CA TRP A 310 9.60 20.17 -10.65
C TRP A 310 9.14 18.76 -10.30
N ARG A 311 8.40 18.60 -9.21
CA ARG A 311 7.98 17.29 -8.73
C ARG A 311 6.57 17.34 -8.22
N ALA A 312 5.87 16.22 -8.37
CA ALA A 312 4.49 16.09 -7.91
C ALA A 312 4.28 14.72 -7.30
N SER A 313 3.55 14.64 -6.20
CA SER A 313 3.17 13.35 -5.67
C SER A 313 1.86 13.42 -4.90
N TRP A 314 1.07 12.36 -5.04
CA TRP A 314 -0.23 12.23 -4.40
C TRP A 314 -0.17 11.46 -3.10
N SER A 315 -0.97 11.88 -2.12
CA SER A 315 -1.19 11.08 -0.92
C SER A 315 -1.78 9.75 -1.26
N LEU A 316 -1.68 8.82 -0.33
CA LEU A 316 -2.28 7.51 -0.55
C LEU A 316 -3.80 7.53 -0.34
N SER A 317 -4.28 8.43 0.49
CA SER A 317 -5.72 8.66 0.63
C SER A 317 -6.05 10.15 0.70
N GLY A 318 -7.27 10.52 0.28
CA GLY A 318 -7.69 11.90 0.34
C GLY A 318 -7.35 12.70 -0.93
N ASN A 319 -6.53 12.14 -1.81
CA ASN A 319 -6.19 12.81 -3.05
C ASN A 319 -5.62 14.23 -2.85
N VAL A 320 -4.69 14.34 -1.91
CA VAL A 320 -4.00 15.60 -1.65
C VAL A 320 -2.74 15.56 -2.51
N LEU A 321 -2.46 16.69 -3.17
CA LEU A 321 -1.34 16.76 -4.09
C LEU A 321 -0.26 17.61 -3.45
N ALA A 322 0.97 17.09 -3.46
CA ALA A 322 2.17 17.83 -3.07
C ALA A 322 2.96 18.22 -4.33
N ILE A 323 3.34 19.49 -4.42
CA ILE A 323 4.14 19.99 -5.54
C ILE A 323 5.42 20.62 -4.98
N SER A 324 6.60 20.31 -5.56
CA SER A 324 7.88 20.96 -5.22
C SER A 324 8.35 21.74 -6.42
N GLY A 325 8.97 22.89 -6.22
CA GLY A 325 9.45 23.61 -7.37
C GLY A 325 10.45 24.66 -7.00
N GLY A 326 10.75 25.50 -7.97
CA GLY A 326 11.77 26.51 -7.79
C GLY A 326 11.28 27.63 -6.91
N ASP A 327 10.00 27.62 -6.54
CA ASP A 327 9.53 28.49 -5.46
C ASP A 327 10.15 28.15 -4.09
N ASN A 328 10.87 27.04 -4.03
CA ASN A 328 11.54 26.55 -2.83
C ASN A 328 10.56 26.13 -1.74
N LYS A 329 9.37 25.72 -2.16
CA LYS A 329 8.34 25.28 -1.24
C LYS A 329 7.84 23.90 -1.64
N VAL A 330 7.29 23.18 -0.67
CA VAL A 330 6.42 22.03 -0.93
C VAL A 330 5.00 22.50 -0.65
N THR A 331 4.24 22.77 -1.68
CA THR A 331 2.85 23.21 -1.54
C THR A 331 1.85 22.07 -1.64
N LEU A 332 0.81 22.13 -0.82
CA LEU A 332 -0.22 21.10 -0.78
C LEU A 332 -1.54 21.64 -1.34
N TRP A 333 -2.30 20.75 -1.96
CA TRP A 333 -3.50 21.13 -2.73
C TRP A 333 -4.60 20.08 -2.56
N LYS A 334 -5.84 20.57 -2.42
CA LYS A 334 -6.99 19.73 -2.17
C LYS A 334 -8.15 20.21 -3.01
N GLU A 335 -8.92 19.27 -3.53
CA GLU A 335 -10.04 19.61 -4.43
C GLU A 335 -11.27 19.89 -3.56
N ASN A 336 -12.00 20.96 -3.83
CA ASN A 336 -13.16 21.28 -3.01
C ASN A 336 -14.41 20.64 -3.59
N ILE A 337 -15.53 20.80 -2.89
CA ILE A 337 -16.75 20.12 -3.27
C ILE A 337 -17.15 20.41 -4.71
N GLN A 338 -16.79 21.59 -5.20
CA GLN A 338 -17.16 22.03 -6.54
C GLN A 338 -16.12 21.70 -7.62
N GLY A 339 -15.16 20.85 -7.26
CA GLY A 339 -14.20 20.35 -8.22
C GLY A 339 -13.07 21.31 -8.55
N LYS A 340 -12.86 22.30 -7.69
CA LYS A 340 -11.78 23.25 -7.88
C LYS A 340 -10.67 23.07 -6.83
N TRP A 341 -9.42 23.32 -7.23
CA TRP A 341 -8.29 23.07 -6.35
C TRP A 341 -8.03 24.27 -5.46
N GLU A 342 -7.78 23.99 -4.19
CA GLU A 342 -7.46 25.04 -3.23
C GLU A 342 -6.19 24.67 -2.46
N SER A 343 -5.47 25.69 -2.02
CA SER A 343 -4.28 25.55 -1.21
C SER A 343 -4.60 24.94 0.15
N ALA A 344 -3.81 23.94 0.49
CA ALA A 344 -3.93 23.28 1.77
C ALA A 344 -2.68 23.54 2.60
N GLY A 345 -2.00 24.67 2.38
CA GLY A 345 -0.79 24.95 3.11
C GLY A 345 0.48 24.47 2.46
N GLU A 346 1.56 24.45 3.22
CA GLU A 346 2.85 24.02 2.72
C GLU A 346 3.60 23.29 3.83
N VAL A 347 4.53 22.44 3.44
CA VAL A 347 5.25 21.65 4.42
C VAL A 347 6.41 22.44 4.93
N ASP A 348 6.56 22.49 6.25
CA ASP A 348 7.69 23.12 6.91
C ASP A 348 8.56 22.08 7.61
N THR B 18 -9.89 -26.48 20.42
CA THR B 18 -9.55 -27.26 19.23
C THR B 18 -8.84 -26.42 18.15
N GLN B 19 -7.89 -27.06 17.46
CA GLN B 19 -7.09 -26.42 16.41
C GLN B 19 -7.74 -26.50 15.03
N PHE B 20 -8.09 -25.34 14.45
CA PHE B 20 -8.75 -25.27 13.15
C PHE B 20 -7.74 -24.78 12.12
N PRO B 21 -7.99 -25.04 10.82
CA PRO B 21 -7.06 -24.52 9.81
C PRO B 21 -7.26 -23.04 9.53
N ILE B 22 -6.18 -22.42 9.04
CA ILE B 22 -6.19 -20.99 8.74
C ILE B 22 -5.69 -20.80 7.32
N PHE B 23 -6.33 -19.89 6.60
CA PHE B 23 -5.85 -19.51 5.28
C PHE B 23 -6.02 -18.02 5.11
N HIS B 24 -4.98 -17.35 4.61
CA HIS B 24 -5.10 -15.92 4.35
C HIS B 24 -4.43 -15.59 3.04
N TRP B 25 -5.02 -14.65 2.29
CA TRP B 25 -4.28 -13.96 1.22
C TRP B 25 -3.74 -12.64 1.72
N CYS B 26 -2.56 -12.30 1.25
CA CYS B 26 -1.86 -11.12 1.71
C CYS B 26 -1.74 -10.13 0.53
N ARG B 27 -1.90 -8.83 0.81
CA ARG B 27 -1.85 -7.78 -0.21
C ARG B 27 -0.53 -7.74 -0.96
N GLY B 28 0.50 -8.30 -0.34
CA GLY B 28 1.84 -8.31 -0.91
C GLY B 28 2.12 -9.52 -1.76
N GLY B 29 1.07 -10.17 -2.25
CA GLY B 29 1.19 -11.24 -3.22
C GLY B 29 1.64 -12.58 -2.68
N LYS B 30 1.17 -12.94 -1.50
CA LYS B 30 1.42 -14.25 -0.94
C LYS B 30 0.16 -14.83 -0.36
N ALA B 31 0.16 -16.15 -0.25
CA ALA B 31 -0.90 -16.86 0.46
C ALA B 31 -0.31 -17.66 1.62
N LEU B 32 -1.06 -17.78 2.71
CA LEU B 32 -0.59 -18.43 3.90
C LEU B 32 -1.62 -19.50 4.27
N SER B 33 -1.15 -20.70 4.54
CA SER B 33 -2.03 -21.74 5.05
C SER B 33 -1.41 -22.36 6.29
N MET B 34 -2.29 -22.71 7.21
CA MET B 34 -1.85 -23.37 8.42
C MET B 34 -2.79 -24.53 8.65
N LEU B 35 -2.23 -25.74 8.62
CA LEU B 35 -3.02 -26.95 8.80
C LEU B 35 -2.42 -27.77 9.94
N PRO B 36 -3.26 -28.20 10.88
CA PRO B 36 -2.78 -29.17 11.87
C PRO B 36 -2.36 -30.45 11.17
N LYS B 37 -1.25 -31.04 11.59
CA LYS B 37 -0.70 -32.23 10.93
C LYS B 37 -0.76 -33.38 11.91
N PHE B 38 -0.81 -34.61 11.38
CA PHE B 38 -0.97 -35.80 12.20
C PHE B 38 -0.14 -36.95 11.65
N LYS B 45 1.11 -28.93 16.90
CA LYS B 45 1.47 -29.71 15.74
C LYS B 45 0.97 -29.04 14.45
N VAL B 46 1.53 -27.90 14.07
CA VAL B 46 0.99 -27.23 12.90
C VAL B 46 2.06 -26.83 11.90
N GLU B 47 1.72 -26.93 10.63
CA GLU B 47 2.58 -26.42 9.58
C GLU B 47 1.99 -25.13 9.02
N ILE B 48 2.78 -24.05 9.06
CA ILE B 48 2.43 -22.82 8.37
C ILE B 48 3.25 -22.74 7.09
N ASN B 49 2.55 -22.70 5.96
CA ASN B 49 3.17 -22.60 4.64
C ASN B 49 2.84 -21.30 3.96
N ILE B 50 3.87 -20.63 3.46
CA ILE B 50 3.68 -19.35 2.77
C ILE B 50 4.26 -19.46 1.37
N VAL B 51 3.44 -19.15 0.36
CA VAL B 51 3.85 -19.21 -1.05
C VAL B 51 3.32 -17.99 -1.83
N GLY B 52 3.71 -17.83 -3.09
CA GLY B 52 3.22 -16.70 -3.86
C GLY B 52 1.77 -16.83 -4.30
N GLY B 60 9.16 -19.45 -4.54
CA GLY B 60 9.75 -19.65 -3.22
C GLY B 60 8.69 -19.86 -2.15
N SER B 61 8.85 -20.94 -1.37
CA SER B 61 7.97 -21.19 -0.23
C SER B 61 8.78 -21.18 1.06
N VAL B 62 8.09 -20.93 2.17
CA VAL B 62 8.71 -21.01 3.49
C VAL B 62 7.74 -21.69 4.42
N THR B 63 8.28 -22.53 5.30
CA THR B 63 7.49 -23.27 6.27
C THR B 63 7.97 -22.92 7.66
N ILE B 64 7.02 -22.69 8.58
CA ILE B 64 7.35 -22.42 9.96
C ILE B 64 6.62 -23.48 10.78
N GLY B 65 7.37 -24.16 11.63
CA GLY B 65 6.83 -25.28 12.37
C GLY B 65 6.87 -25.05 13.87
N ASN B 66 5.78 -25.38 14.55
CA ASN B 66 5.73 -25.31 16.00
C ASN B 66 6.18 -23.95 16.54
N ALA B 67 5.45 -22.91 16.16
CA ALA B 67 5.74 -21.57 16.61
C ALA B 67 5.47 -21.41 18.11
N HIS B 68 4.57 -22.22 18.66
CA HIS B 68 4.16 -22.10 20.05
C HIS B 68 4.04 -23.50 20.65
N ASP B 69 3.81 -23.55 21.96
CA ASP B 69 3.53 -24.83 22.61
C ASP B 69 2.14 -24.84 23.24
N ASP B 70 1.21 -24.34 22.43
CA ASP B 70 -0.20 -24.50 22.63
C ASP B 70 -0.86 -24.10 21.31
N LEU B 71 -2.17 -24.29 21.23
CA LEU B 71 -2.95 -23.96 20.06
C LEU B 71 -2.53 -22.60 19.49
N ILE B 72 -2.51 -22.53 18.16
CA ILE B 72 -2.36 -21.28 17.43
C ILE B 72 -3.71 -20.88 16.83
N HIS B 73 -4.10 -19.64 17.07
CA HIS B 73 -5.45 -19.21 16.70
C HIS B 73 -5.45 -18.28 15.48
N ASP B 74 -4.30 -17.69 15.19
CA ASP B 74 -4.19 -16.87 13.99
C ASP B 74 -2.74 -16.80 13.54
N ALA B 75 -2.56 -16.53 12.25
CA ALA B 75 -1.25 -16.41 11.65
C ALA B 75 -1.47 -15.42 10.51
N VAL B 76 -0.87 -14.26 10.59
CA VAL B 76 -1.18 -13.20 9.64
C VAL B 76 0.08 -12.52 9.14
N LEU B 77 0.21 -12.45 7.83
CA LEU B 77 1.30 -11.68 7.21
C LEU B 77 0.95 -10.22 7.18
N ASP B 78 1.96 -9.36 7.25
CA ASP B 78 1.79 -7.92 7.11
C ASP B 78 1.56 -7.50 5.66
N TYR B 79 1.36 -6.21 5.45
CA TYR B 79 0.91 -5.67 4.17
C TYR B 79 1.89 -6.00 3.06
N TYR B 80 3.18 -6.02 3.38
CA TYR B 80 4.20 -6.28 2.36
C TYR B 80 4.64 -7.74 2.26
N GLY B 81 4.24 -8.56 3.23
CA GLY B 81 4.57 -9.96 3.17
C GLY B 81 5.91 -10.34 3.78
N ARG B 82 6.50 -9.46 4.57
CA ARG B 82 7.81 -9.72 5.17
C ARG B 82 7.82 -9.87 6.71
N ARG B 83 6.68 -9.68 7.35
CA ARG B 83 6.56 -9.98 8.78
C ARG B 83 5.37 -10.91 8.94
N LEU B 84 5.48 -11.85 9.86
CA LEU B 84 4.36 -12.75 10.19
C LEU B 84 4.13 -12.64 11.66
N ALA B 85 2.85 -12.57 12.08
CA ALA B 85 2.47 -12.63 13.51
C ALA B 85 1.61 -13.85 13.74
N THR B 86 1.97 -14.66 14.73
CA THR B 86 1.15 -15.82 15.13
C THR B 86 0.76 -15.65 16.59
N CYS B 87 -0.43 -16.11 16.96
CA CYS B 87 -0.88 -15.94 18.34
C CYS B 87 -1.51 -17.21 18.89
N SER B 88 -1.47 -17.34 20.22
CA SER B 88 -1.66 -18.66 20.83
C SER B 88 -2.44 -18.66 22.15
N SER B 89 -2.93 -19.86 22.48
CA SER B 89 -3.43 -20.14 23.82
C SER B 89 -2.35 -20.04 24.88
N ASP B 90 -1.08 -20.08 24.47
CA ASP B 90 0.01 -19.81 25.43
C ASP B 90 0.11 -18.34 25.89
N LYS B 91 -0.81 -17.51 25.39
CA LYS B 91 -0.99 -16.13 25.80
C LYS B 91 -0.01 -15.18 25.12
N THR B 92 0.74 -15.70 24.15
CA THR B 92 1.75 -14.89 23.47
C THR B 92 1.49 -14.72 21.99
N ILE B 93 2.25 -13.76 21.43
CA ILE B 93 2.28 -13.46 20.02
C ILE B 93 3.74 -13.52 19.61
N LYS B 94 4.02 -14.25 18.54
CA LYS B 94 5.37 -14.29 18.00
C LYS B 94 5.45 -13.60 16.66
N ILE B 95 6.52 -12.83 16.48
CA ILE B 95 6.76 -12.06 15.25
C ILE B 95 7.94 -12.69 14.54
N PHE B 96 7.75 -13.06 13.28
CA PHE B 96 8.78 -13.66 12.43
C PHE B 96 9.14 -12.71 11.26
N GLU B 97 10.41 -12.65 10.89
CA GLU B 97 10.82 -12.03 9.62
C GLU B 97 10.75 -13.07 8.52
N ILE B 98 10.13 -12.71 7.40
CA ILE B 98 10.01 -13.63 6.27
C ILE B 98 10.81 -13.04 5.11
N ASP B 99 11.95 -13.67 4.80
CA ASP B 99 12.84 -13.17 3.76
C ASP B 99 12.92 -14.17 2.61
N GLY B 100 11.92 -14.14 1.73
CA GLY B 100 11.86 -15.06 0.62
C GLY B 100 11.69 -16.49 1.10
N GLU B 101 12.75 -17.29 1.01
CA GLU B 101 12.72 -18.68 1.47
C GLU B 101 13.26 -18.85 2.89
N ASN B 102 13.56 -17.74 3.55
CA ASN B 102 14.10 -17.79 4.91
C ASN B 102 13.10 -17.23 5.93
N GLN B 103 13.24 -17.65 7.18
CA GLN B 103 12.45 -17.06 8.27
C GLN B 103 13.28 -17.04 9.54
N ARG B 104 13.00 -16.08 10.41
CA ARG B 104 13.55 -16.10 11.77
C ARG B 104 12.60 -15.42 12.76
N LEU B 105 12.57 -15.92 13.99
CA LEU B 105 11.79 -15.32 15.05
C LEU B 105 12.44 -14.01 15.50
N VAL B 106 11.63 -12.96 15.55
CA VAL B 106 12.09 -11.61 15.90
C VAL B 106 11.77 -11.26 17.33
N GLU B 107 10.56 -11.57 17.75
CA GLU B 107 10.13 -11.14 19.06
C GLU B 107 8.96 -11.98 19.52
N THR B 108 8.79 -12.03 20.84
CA THR B 108 7.61 -12.61 21.47
C THR B 108 6.95 -11.47 22.23
N LEU B 109 5.69 -11.20 21.92
CA LEU B 109 4.98 -10.14 22.59
C LEU B 109 4.13 -10.77 23.68
N ILE B 110 4.27 -10.25 24.90
CA ILE B 110 3.64 -10.82 26.08
C ILE B 110 2.93 -9.72 26.86
N GLY B 111 1.60 -9.73 26.79
CA GLY B 111 0.81 -8.74 27.47
C GLY B 111 -0.60 -9.17 27.82
N HIS B 112 -0.89 -10.46 27.66
CA HIS B 112 -2.23 -11.02 27.84
C HIS B 112 -2.26 -12.10 28.93
N GLU B 113 -3.43 -12.27 29.53
CA GLU B 113 -3.61 -13.21 30.65
C GLU B 113 -4.39 -14.45 30.23
N GLY B 114 -4.85 -14.50 28.99
CA GLY B 114 -5.48 -15.68 28.44
C GLY B 114 -5.22 -15.77 26.96
N PRO B 115 -5.77 -16.80 26.28
CA PRO B 115 -5.51 -17.09 24.87
C PRO B 115 -5.67 -15.83 24.02
N VAL B 116 -4.76 -15.65 23.07
CA VAL B 116 -4.84 -14.58 22.12
C VAL B 116 -5.56 -15.13 20.88
N TRP B 117 -6.70 -14.55 20.52
CA TRP B 117 -7.50 -15.14 19.47
C TRP B 117 -7.19 -14.62 18.08
N GLN B 118 -6.85 -13.35 18.02
CA GLN B 118 -6.54 -12.75 16.71
C GLN B 118 -5.53 -11.64 16.83
N VAL B 119 -4.82 -11.41 15.74
CA VAL B 119 -3.95 -10.26 15.61
C VAL B 119 -4.24 -9.66 14.25
N ALA B 120 -3.90 -8.37 14.12
CA ALA B 120 -4.18 -7.65 12.87
C ALA B 120 -3.15 -6.53 12.70
N TRP B 121 -2.62 -6.45 11.48
CA TRP B 121 -1.63 -5.44 11.08
C TRP B 121 -2.30 -4.19 10.53
N ALA B 122 -1.85 -3.04 11.00
CA ALA B 122 -2.32 -1.77 10.48
C ALA B 122 -1.63 -1.52 9.14
N HIS B 123 -2.23 -0.64 8.36
CA HIS B 123 -1.61 -0.22 7.10
C HIS B 123 -0.26 0.42 7.44
N PRO B 124 0.80 0.06 6.69
CA PRO B 124 2.15 0.51 7.03
C PRO B 124 2.37 2.04 6.93
N LYS B 125 1.45 2.75 6.31
CA LYS B 125 1.60 4.21 6.25
C LYS B 125 1.50 4.79 7.66
N PHE B 126 0.87 4.06 8.60
CA PHE B 126 0.70 4.54 9.95
C PHE B 126 1.85 4.19 10.87
N GLY B 127 2.68 3.25 10.43
CA GLY B 127 3.72 2.67 11.26
C GLY B 127 3.64 1.16 11.20
N VAL B 128 4.57 0.47 11.87
CA VAL B 128 4.57 -0.98 11.94
C VAL B 128 3.84 -1.33 13.22
N ILE B 129 2.58 -1.71 13.08
CA ILE B 129 1.68 -1.72 14.22
C ILE B 129 0.78 -2.95 14.14
N LEU B 130 0.62 -3.63 15.28
CA LEU B 130 -0.14 -4.85 15.37
C LEU B 130 -1.13 -4.69 16.49
N ALA B 131 -2.39 -5.02 16.25
CA ALA B 131 -3.38 -5.16 17.32
C ALA B 131 -3.56 -6.63 17.71
N SER B 132 -3.81 -6.89 18.98
CA SER B 132 -4.14 -8.24 19.42
C SER B 132 -5.36 -8.20 20.34
N CYS B 133 -6.16 -9.26 20.29
CA CYS B 133 -7.29 -9.40 21.21
C CYS B 133 -7.26 -10.77 21.86
N SER B 134 -7.86 -10.85 23.04
CA SER B 134 -7.71 -11.99 23.90
C SER B 134 -8.96 -12.30 24.71
N TYR B 135 -9.01 -13.56 25.08
CA TYR B 135 -9.94 -14.07 26.06
C TYR B 135 -9.96 -13.21 27.33
N ASP B 136 -8.82 -12.59 27.66
CA ASP B 136 -8.73 -11.75 28.85
C ASP B 136 -9.53 -10.43 28.80
N GLY B 137 -10.15 -10.15 27.65
CA GLY B 137 -10.98 -8.98 27.49
C GLY B 137 -10.26 -7.73 26.98
N LYS B 138 -8.96 -7.84 26.79
CA LYS B 138 -8.16 -6.70 26.39
C LYS B 138 -7.86 -6.74 24.90
N VAL B 139 -7.74 -5.55 24.34
CA VAL B 139 -7.18 -5.35 23.03
C VAL B 139 -5.94 -4.51 23.24
N LEU B 140 -4.80 -4.99 22.74
CA LEU B 140 -3.53 -4.30 22.90
C LEU B 140 -3.02 -3.86 21.55
N ILE B 141 -2.33 -2.71 21.55
CA ILE B 141 -1.70 -2.16 20.36
C ILE B 141 -0.20 -2.20 20.60
N TRP B 142 0.50 -2.86 19.68
CA TRP B 142 1.94 -3.05 19.71
C TRP B 142 2.56 -2.28 18.53
N LYS B 143 3.76 -1.75 18.72
CA LYS B 143 4.41 -0.97 17.64
C LYS B 143 5.90 -1.31 17.61
N GLU B 144 6.45 -1.43 16.40
CA GLU B 144 7.86 -1.76 16.21
C GLU B 144 8.61 -0.51 15.79
N ASP B 145 9.88 -0.43 16.15
CA ASP B 145 10.68 0.71 15.74
C ASP B 145 12.04 0.30 15.23
N ASN B 146 12.83 -0.32 16.09
CA ASN B 146 14.20 -0.64 15.77
C ASN B 146 14.39 -2.14 15.57
N GLY B 147 13.37 -2.80 15.05
CA GLY B 147 13.27 -4.24 15.22
C GLY B 147 13.02 -4.46 16.70
N VAL B 148 12.47 -3.43 17.34
CA VAL B 148 12.22 -3.40 18.77
C VAL B 148 10.74 -3.10 19.06
N TRP B 149 10.08 -4.01 19.75
CA TRP B 149 8.64 -3.92 19.94
C TRP B 149 8.23 -3.37 21.29
N ASN B 150 7.20 -2.53 21.30
CA ASN B 150 6.64 -1.94 22.51
C ASN B 150 5.11 -2.05 22.51
N LYS B 151 4.54 -2.34 23.68
CA LYS B 151 3.11 -2.09 23.87
C LYS B 151 2.87 -0.59 23.95
N VAL B 152 1.99 -0.06 23.11
CA VAL B 152 1.78 1.38 23.10
C VAL B 152 0.38 1.82 23.49
N ALA B 153 -0.58 0.90 23.52
CA ALA B 153 -1.89 1.28 23.95
C ALA B 153 -2.67 0.03 24.39
N GLU B 154 -3.69 0.28 25.19
CA GLU B 154 -4.58 -0.75 25.67
C GLU B 154 -6.02 -0.25 25.56
N HIS B 155 -6.87 -1.10 24.99
CA HIS B 155 -8.27 -0.79 24.83
C HIS B 155 -9.01 -1.84 25.63
N SER B 156 -9.59 -1.41 26.75
CA SER B 156 -10.15 -2.34 27.73
C SER B 156 -11.57 -2.00 28.11
N VAL B 157 -12.47 -2.02 27.13
CA VAL B 157 -13.86 -1.62 27.36
C VAL B 157 -14.79 -2.82 27.54
N HIS B 158 -14.28 -4.02 27.31
CA HIS B 158 -15.15 -5.19 27.31
C HIS B 158 -15.05 -6.00 28.60
N GLN B 159 -16.16 -6.63 28.96
CA GLN B 159 -16.26 -7.39 30.20
C GLN B 159 -16.18 -8.90 29.95
N ALA B 160 -15.71 -9.28 28.77
CA ALA B 160 -15.70 -10.67 28.38
C ALA B 160 -14.67 -10.86 27.28
N SER B 161 -14.50 -12.10 26.83
CA SER B 161 -13.58 -12.39 25.71
C SER B 161 -13.78 -11.41 24.56
N VAL B 162 -12.67 -10.90 24.01
CA VAL B 162 -12.69 -10.18 22.73
C VAL B 162 -12.19 -11.11 21.63
N ASN B 163 -13.03 -11.31 20.63
CA ASN B 163 -12.90 -12.40 19.69
C ASN B 163 -12.35 -12.06 18.33
N SER B 164 -12.48 -10.80 17.92
CA SER B 164 -11.92 -10.37 16.65
C SER B 164 -11.47 -8.93 16.74
N VAL B 165 -10.45 -8.61 15.94
CA VAL B 165 -10.00 -7.25 15.70
C VAL B 165 -9.73 -7.08 14.23
N SER B 166 -10.02 -5.88 13.71
CA SER B 166 -9.78 -5.59 12.30
C SER B 166 -9.58 -4.10 12.10
N TRP B 167 -8.54 -3.76 11.33
CA TRP B 167 -8.27 -2.36 10.99
C TRP B 167 -9.11 -1.89 9.81
N ALA B 168 -9.67 -0.70 9.94
CA ALA B 168 -10.42 -0.06 8.85
C ALA B 168 -9.59 0.15 7.59
N PRO B 169 -10.27 0.29 6.45
CA PRO B 169 -9.55 0.84 5.29
C PRO B 169 -8.75 2.07 5.70
N HIS B 170 -7.53 2.19 5.19
CA HIS B 170 -6.63 3.22 5.68
C HIS B 170 -7.14 4.65 5.44
N GLU B 171 -8.04 4.82 4.46
CA GLU B 171 -8.68 6.11 4.24
C GLU B 171 -9.38 6.68 5.46
N TYR B 172 -9.85 5.83 6.37
CA TYR B 172 -10.55 6.29 7.55
C TYR B 172 -9.63 6.73 8.68
N GLY B 173 -8.32 6.52 8.49
CA GLY B 173 -7.37 6.70 9.56
C GLY B 173 -7.16 5.36 10.24
N PRO B 174 -6.36 5.33 11.31
CA PRO B 174 -6.01 4.10 12.03
C PRO B 174 -7.10 3.77 13.04
N VAL B 175 -8.04 2.95 12.61
CA VAL B 175 -9.29 2.75 13.35
C VAL B 175 -9.51 1.24 13.45
N LEU B 176 -9.72 0.76 14.66
CA LEU B 176 -9.82 -0.65 14.96
C LEU B 176 -11.25 -1.01 15.39
N LEU B 177 -11.73 -2.12 14.84
CA LEU B 177 -13.06 -2.66 15.09
C LEU B 177 -12.91 -3.98 15.86
N CYS B 178 -13.60 -4.09 16.99
CA CYS B 178 -13.42 -5.19 17.95
C CYS B 178 -14.79 -5.79 18.28
N ALA B 179 -14.89 -7.11 18.31
CA ALA B 179 -16.16 -7.78 18.62
C ALA B 179 -15.96 -8.63 19.88
N SER B 180 -16.93 -8.59 20.79
CA SER B 180 -16.78 -9.24 22.10
C SER B 180 -17.92 -10.21 22.44
N SER B 181 -17.57 -11.21 23.22
CA SER B 181 -18.53 -12.13 23.84
C SER B 181 -19.54 -11.40 24.75
N ASP B 182 -19.24 -10.17 25.14
CA ASP B 182 -20.18 -9.40 25.97
C ASP B 182 -21.35 -8.83 25.18
N GLY B 183 -21.37 -9.06 23.87
CA GLY B 183 -22.47 -8.61 23.04
C GLY B 183 -22.18 -7.27 22.37
N LYS B 184 -21.09 -6.61 22.77
CA LYS B 184 -20.77 -5.28 22.27
C LYS B 184 -19.72 -5.32 21.19
N ILE B 185 -19.75 -4.26 20.38
CA ILE B 185 -18.77 -3.99 19.34
C ILE B 185 -18.17 -2.63 19.69
N SER B 186 -16.83 -2.53 19.63
CA SER B 186 -16.19 -1.25 19.86
C SER B 186 -15.38 -0.84 18.65
N ILE B 187 -15.31 0.48 18.45
CA ILE B 187 -14.57 1.07 17.36
C ILE B 187 -13.71 2.15 17.97
N VAL B 188 -12.40 2.06 17.76
CA VAL B 188 -11.47 3.00 18.39
C VAL B 188 -10.44 3.54 17.40
N GLU B 189 -10.27 4.85 17.41
CA GLU B 189 -9.31 5.50 16.52
C GLU B 189 -8.06 5.88 17.28
N PHE B 190 -6.93 5.88 16.57
CA PHE B 190 -5.68 6.40 17.12
C PHE B 190 -5.15 7.58 16.34
N GLY B 194 -2.21 8.76 19.94
CA GLY B 194 -3.04 8.46 21.10
C GLY B 194 -4.44 8.08 20.71
N ALA B 195 -5.18 7.45 21.63
CA ALA B 195 -6.49 6.93 21.32
C ALA B 195 -7.61 7.93 21.60
N LEU B 196 -8.47 8.14 20.61
CA LEU B 196 -9.65 8.98 20.79
C LEU B 196 -10.67 8.21 21.64
N GLU B 197 -11.78 8.85 21.96
CA GLU B 197 -12.81 8.19 22.77
C GLU B 197 -13.48 7.11 21.92
N PRO B 198 -13.55 5.87 22.43
CA PRO B 198 -14.11 4.80 21.61
C PRO B 198 -15.61 4.88 21.43
N ILE B 199 -16.09 4.33 20.33
CA ILE B 199 -17.50 4.13 20.13
C ILE B 199 -17.75 2.71 20.61
N VAL B 200 -18.76 2.53 21.46
CA VAL B 200 -19.11 1.19 21.94
C VAL B 200 -20.61 1.03 21.75
N ILE B 201 -21.01 -0.01 21.03
CA ILE B 201 -22.42 -0.24 20.74
C ILE B 201 -22.86 -1.65 21.14
N GLN B 202 -24.15 -1.77 21.48
CA GLN B 202 -24.76 -3.08 21.68
C GLN B 202 -24.93 -3.73 20.31
N GLY B 203 -24.27 -4.85 20.08
CA GLY B 203 -24.23 -5.43 18.76
C GLY B 203 -25.18 -6.61 18.57
N HIS B 204 -25.00 -7.66 19.39
CA HIS B 204 -25.81 -8.86 19.27
C HIS B 204 -26.18 -9.35 20.65
N ALA B 205 -27.31 -10.03 20.73
CA ALA B 205 -27.61 -10.75 21.94
C ALA B 205 -26.61 -11.91 22.06
N ILE B 206 -26.30 -12.27 23.30
CA ILE B 206 -25.49 -13.44 23.63
C ILE B 206 -24.01 -13.26 23.39
N GLY B 207 -23.62 -12.73 22.23
CA GLY B 207 -22.21 -12.42 22.01
C GLY B 207 -21.95 -12.10 20.55
N VAL B 208 -20.80 -11.50 20.25
CA VAL B 208 -20.38 -11.23 18.88
C VAL B 208 -19.09 -12.00 18.64
N ASN B 209 -19.02 -12.73 17.52
CA ASN B 209 -17.84 -13.53 17.24
C ASN B 209 -16.87 -12.95 16.23
N ALA B 210 -17.36 -12.05 15.37
CA ALA B 210 -16.57 -11.50 14.29
C ALA B 210 -17.17 -10.21 13.77
N ALA B 211 -16.31 -9.32 13.28
CA ALA B 211 -16.77 -8.11 12.61
C ALA B 211 -15.71 -7.72 11.60
N SER B 212 -16.14 -7.32 10.41
CA SER B 212 -15.30 -7.11 9.22
C SER B 212 -15.73 -5.83 8.51
N TRP B 213 -14.78 -4.99 8.14
CA TRP B 213 -15.10 -3.77 7.40
C TRP B 213 -15.47 -3.96 5.93
N ALA B 214 -16.41 -3.13 5.48
CA ALA B 214 -16.66 -3.00 4.05
C ALA B 214 -15.52 -2.23 3.39
N PRO B 215 -15.28 -2.51 2.12
CA PRO B 215 -14.34 -1.66 1.39
C PRO B 215 -14.92 -0.26 1.20
N ILE B 216 -14.07 0.70 0.83
CA ILE B 216 -14.57 2.07 0.65
C ILE B 216 -15.52 2.12 -0.54
N SER B 217 -16.69 2.75 -0.38
CA SER B 217 -17.23 3.12 0.93
C SER B 217 -18.76 3.12 0.89
N ASN B 221 -19.78 7.88 0.33
CA ASN B 221 -18.87 8.03 1.45
C ASN B 221 -19.39 7.36 2.72
N THR B 222 -20.22 6.34 2.59
CA THR B 222 -20.80 5.68 3.76
C THR B 222 -19.86 4.60 4.27
N ARG B 223 -19.59 4.63 5.57
CA ARG B 223 -18.64 3.72 6.18
C ARG B 223 -19.41 2.59 6.85
N ARG B 224 -19.14 1.36 6.43
CA ARG B 224 -19.91 0.21 6.89
C ARG B 224 -19.03 -0.93 7.41
N PHE B 225 -19.64 -1.77 8.23
CA PHE B 225 -19.03 -3.04 8.58
C PHE B 225 -20.13 -4.05 8.82
N VAL B 226 -19.76 -5.33 8.82
CA VAL B 226 -20.71 -6.44 9.08
C VAL B 226 -20.25 -7.17 10.32
N SER B 227 -21.19 -7.74 11.07
CA SER B 227 -20.89 -8.49 12.28
C SER B 227 -21.70 -9.77 12.32
N GLY B 228 -21.20 -10.76 13.06
CA GLY B 228 -21.89 -12.03 13.20
C GLY B 228 -21.83 -12.46 14.63
N GLY B 229 -22.94 -13.02 15.11
CA GLY B 229 -23.01 -13.37 16.51
C GLY B 229 -23.76 -14.62 16.92
N CYS B 230 -23.87 -14.70 18.22
CA CYS B 230 -24.41 -15.87 18.89
C CYS B 230 -25.93 -15.83 18.92
N ASP B 231 -26.49 -14.75 18.41
CA ASP B 231 -27.92 -14.66 18.16
C ASP B 231 -28.33 -15.18 16.79
N ASN B 232 -27.38 -15.78 16.10
CA ASN B 232 -27.51 -16.37 14.76
C ASN B 232 -27.75 -15.31 13.67
N LEU B 233 -27.57 -14.03 13.99
CA LEU B 233 -27.78 -12.95 13.00
C LEU B 233 -26.50 -12.42 12.39
N VAL B 234 -26.65 -11.98 11.16
CA VAL B 234 -25.63 -11.21 10.46
C VAL B 234 -26.15 -9.78 10.37
N LYS B 235 -25.36 -8.83 10.86
CA LYS B 235 -25.78 -7.42 10.91
C LYS B 235 -24.85 -6.53 10.11
N ILE B 236 -25.44 -5.51 9.46
CA ILE B 236 -24.72 -4.50 8.71
C ILE B 236 -24.90 -3.17 9.44
N TRP B 237 -23.80 -2.46 9.62
CA TRP B 237 -23.76 -1.22 10.40
C TRP B 237 -23.21 -0.11 9.55
N ARG B 238 -23.71 1.10 9.79
CA ARG B 238 -23.33 2.28 9.03
C ARG B 238 -22.94 3.39 10.00
N TYR B 239 -21.86 4.12 9.72
CA TYR B 239 -21.49 5.27 10.55
C TYR B 239 -22.46 6.42 10.30
N ASP B 240 -22.90 7.06 11.38
CA ASP B 240 -23.84 8.17 11.29
C ASP B 240 -23.17 9.39 11.89
N ASP B 241 -22.83 10.33 11.02
CA ASP B 241 -22.11 11.55 11.37
C ASP B 241 -22.72 12.32 12.53
N ALA B 242 -24.03 12.49 12.52
CA ALA B 242 -24.72 13.30 13.51
C ALA B 242 -24.69 12.68 14.91
N ALA B 243 -24.88 11.35 14.96
CA ALA B 243 -24.95 10.64 16.22
C ALA B 243 -23.56 10.30 16.75
N LYS B 244 -22.55 10.45 15.90
CA LYS B 244 -21.21 10.06 16.27
C LYS B 244 -21.23 8.62 16.75
N THR B 245 -21.92 7.76 16.01
CA THR B 245 -21.92 6.35 16.35
C THR B 245 -22.29 5.51 15.14
N PHE B 246 -22.27 4.18 15.32
CA PHE B 246 -22.69 3.29 14.25
C PHE B 246 -24.12 2.82 14.50
N ILE B 247 -24.94 2.85 13.45
CA ILE B 247 -26.33 2.41 13.58
C ILE B 247 -26.58 1.12 12.80
N GLU B 248 -27.47 0.28 13.33
CA GLU B 248 -27.78 -0.99 12.70
C GLU B 248 -28.64 -0.76 11.47
N GLU B 249 -28.13 -1.14 10.31
CA GLU B 249 -28.79 -0.90 9.03
C GLU B 249 -29.57 -2.14 8.57
N GLU B 250 -29.03 -3.31 8.86
CA GLU B 250 -29.69 -4.55 8.51
C GLU B 250 -29.42 -5.57 9.58
N ALA B 251 -30.36 -6.49 9.75
CA ALA B 251 -30.15 -7.64 10.63
C ALA B 251 -30.76 -8.84 9.91
N PHE B 252 -29.92 -9.76 9.46
CA PHE B 252 -30.34 -10.82 8.56
C PHE B 252 -30.37 -12.18 9.23
N GLN B 253 -31.49 -12.88 9.07
CA GLN B 253 -31.63 -14.26 9.50
C GLN B 253 -31.17 -15.15 8.37
N GLY B 254 -30.91 -16.40 8.66
CA GLY B 254 -30.55 -17.34 7.62
C GLY B 254 -29.75 -18.45 8.22
N HIS B 255 -28.91 -18.12 9.18
CA HIS B 255 -28.16 -19.12 9.94
C HIS B 255 -29.01 -19.62 11.11
N SER B 256 -28.86 -20.90 11.41
CA SER B 256 -29.64 -21.52 12.48
C SER B 256 -28.81 -21.87 13.71
N ASP B 257 -27.57 -21.40 13.75
CA ASP B 257 -26.69 -21.51 14.91
C ASP B 257 -25.64 -20.40 14.80
N TRP B 258 -24.78 -20.32 15.81
CA TRP B 258 -23.86 -19.19 15.96
C TRP B 258 -23.12 -18.91 14.65
N VAL B 259 -23.00 -17.63 14.34
CA VAL B 259 -22.20 -17.20 13.21
C VAL B 259 -20.78 -17.06 13.73
N ARG B 260 -19.85 -17.79 13.14
CA ARG B 260 -18.50 -17.86 13.66
C ARG B 260 -17.54 -16.88 12.96
N ASP B 261 -17.82 -16.56 11.71
CA ASP B 261 -17.02 -15.56 10.99
C ASP B 261 -17.84 -14.83 9.96
N VAL B 262 -17.40 -13.62 9.65
CA VAL B 262 -17.99 -12.82 8.60
C VAL B 262 -16.83 -12.19 7.85
N ALA B 263 -16.95 -12.14 6.54
CA ALA B 263 -15.90 -11.60 5.70
C ALA B 263 -16.50 -10.77 4.58
N TRP B 264 -16.11 -9.50 4.53
CA TRP B 264 -16.62 -8.58 3.53
C TRP B 264 -15.54 -8.48 2.45
N SER B 265 -15.88 -8.89 1.24
CA SER B 265 -14.91 -8.94 0.15
C SER B 265 -14.31 -7.57 -0.13
N PRO B 266 -12.98 -7.52 -0.22
CA PRO B 266 -12.33 -6.23 -0.49
C PRO B 266 -12.58 -5.72 -1.91
N SER B 267 -13.40 -6.39 -2.69
CA SER B 267 -13.69 -5.94 -4.04
C SER B 267 -14.12 -4.47 -4.02
N ARG B 268 -13.44 -3.64 -4.81
CA ARG B 268 -13.83 -2.25 -4.94
C ARG B 268 -14.90 -2.06 -6.02
N LEU B 269 -15.32 -3.17 -6.63
CA LEU B 269 -16.40 -3.12 -7.61
C LEU B 269 -17.70 -2.69 -6.96
N SER B 270 -18.64 -2.32 -7.81
CA SER B 270 -19.92 -1.78 -7.37
C SER B 270 -20.70 -2.76 -6.49
N LYS B 271 -20.49 -4.04 -6.73
CA LYS B 271 -21.28 -5.10 -6.11
C LYS B 271 -20.61 -5.60 -4.83
N SER B 272 -21.37 -5.60 -3.75
CA SER B 272 -20.87 -6.07 -2.45
C SER B 272 -21.01 -7.60 -2.34
N TYR B 273 -19.97 -8.25 -1.81
CA TYR B 273 -20.03 -9.66 -1.43
C TYR B 273 -19.62 -9.84 0.01
N ILE B 274 -20.40 -10.60 0.77
CA ILE B 274 -20.07 -10.95 2.15
C ILE B 274 -20.26 -12.45 2.29
N ALA B 275 -19.30 -13.13 2.94
CA ALA B 275 -19.45 -14.56 3.28
C ALA B 275 -19.60 -14.66 4.78
N THR B 276 -20.54 -15.50 5.24
CA THR B 276 -20.70 -15.72 6.68
C THR B 276 -20.68 -17.22 6.90
N ALA B 277 -19.87 -17.64 7.88
CA ALA B 277 -19.66 -19.05 8.21
C ALA B 277 -20.24 -19.36 9.57
N SER B 278 -20.97 -20.48 9.67
CA SER B 278 -21.70 -20.77 10.88
C SER B 278 -21.47 -22.20 11.40
N GLN B 279 -21.66 -22.32 12.70
CA GLN B 279 -21.73 -23.60 13.38
C GLN B 279 -22.86 -24.48 12.87
N ASP B 280 -23.81 -23.87 12.15
CA ASP B 280 -24.85 -24.63 11.48
C ASP B 280 -24.41 -25.45 10.26
N ARG B 281 -23.11 -25.41 9.94
CA ARG B 281 -22.51 -26.22 8.88
C ARG B 281 -22.79 -25.62 7.50
N THR B 282 -23.09 -24.32 7.47
CA THR B 282 -23.29 -23.67 6.18
C THR B 282 -22.54 -22.36 6.09
N VAL B 283 -22.34 -21.95 4.86
CA VAL B 283 -21.82 -20.63 4.55
C VAL B 283 -22.89 -19.98 3.70
N LEU B 284 -23.25 -18.75 4.05
CA LEU B 284 -24.14 -17.96 3.23
C LEU B 284 -23.34 -16.82 2.53
N ILE B 285 -23.66 -16.57 1.26
CA ILE B 285 -23.06 -15.51 0.46
C ILE B 285 -24.14 -14.45 0.27
N TRP B 286 -23.83 -13.25 0.72
CA TRP B 286 -24.75 -12.12 0.67
C TRP B 286 -24.23 -11.15 -0.36
N THR B 287 -25.10 -10.71 -1.25
CA THR B 287 -24.63 -9.81 -2.29
C THR B 287 -25.58 -8.66 -2.45
N LYS B 288 -25.04 -7.52 -2.87
CA LYS B 288 -25.84 -6.33 -3.14
C LYS B 288 -25.25 -5.63 -4.36
N ASP B 289 -26.02 -5.62 -5.45
CA ASP B 289 -25.61 -4.88 -6.64
C ASP B 289 -25.58 -3.40 -6.29
N GLY B 290 -24.64 -2.65 -6.85
CA GLY B 290 -24.40 -1.29 -6.44
C GLY B 290 -25.64 -0.44 -6.29
N LYS B 291 -26.34 -0.28 -7.40
CA LYS B 291 -27.46 0.65 -7.45
C LYS B 291 -28.64 0.06 -6.71
N SER B 292 -28.89 -1.23 -6.91
CA SER B 292 -29.91 -1.93 -6.16
C SER B 292 -29.75 -1.55 -4.72
N ASN B 293 -30.84 -1.53 -3.98
CA ASN B 293 -30.77 -1.24 -2.57
C ASN B 293 -31.09 -2.48 -1.73
N LYS B 294 -31.30 -3.62 -2.41
CA LYS B 294 -31.67 -4.86 -1.71
C LYS B 294 -30.55 -5.91 -1.71
N TRP B 295 -30.35 -6.52 -0.54
CA TRP B 295 -29.41 -7.62 -0.41
C TRP B 295 -30.06 -8.92 -0.84
N GLU B 296 -29.27 -9.83 -1.41
CA GLU B 296 -29.71 -11.17 -1.70
C GLU B 296 -28.81 -12.15 -0.97
N LYS B 297 -29.29 -13.36 -0.72
CA LYS B 297 -28.43 -14.39 -0.16
C LYS B 297 -28.57 -15.74 -0.88
N GLN B 298 -27.49 -16.50 -0.84
CA GLN B 298 -27.45 -17.83 -1.46
C GLN B 298 -26.57 -18.71 -0.59
N PRO B 299 -26.95 -19.97 -0.35
CA PRO B 299 -25.96 -20.85 0.27
C PRO B 299 -24.79 -21.11 -0.65
N LEU B 300 -23.59 -21.21 -0.10
CA LEU B 300 -22.39 -21.47 -0.88
C LEU B 300 -22.50 -22.83 -1.58
N THR B 301 -23.09 -23.80 -0.87
CA THR B 301 -23.19 -25.18 -1.31
C THR B 301 -24.63 -25.69 -1.18
N LYS B 302 -25.01 -26.60 -2.07
CA LYS B 302 -26.35 -27.19 -2.04
C LYS B 302 -26.57 -28.04 -0.77
N GLU B 303 -25.53 -28.75 -0.38
CA GLU B 303 -25.56 -29.57 0.81
C GLU B 303 -24.75 -28.87 1.88
N LYS B 304 -25.11 -29.13 3.14
CA LYS B 304 -24.32 -28.68 4.27
C LYS B 304 -22.91 -29.21 4.20
N PHE B 305 -22.01 -28.53 4.92
CA PHE B 305 -20.65 -29.03 5.15
C PHE B 305 -20.71 -30.21 6.14
N PRO B 306 -19.65 -31.02 6.21
CA PRO B 306 -19.73 -32.19 7.09
C PRO B 306 -19.69 -31.85 8.59
N ASP B 307 -19.25 -30.63 8.93
CA ASP B 307 -19.02 -30.21 10.29
C ASP B 307 -19.08 -28.69 10.24
N VAL B 308 -18.75 -28.04 11.34
CA VAL B 308 -18.86 -26.60 11.45
C VAL B 308 -18.07 -25.87 10.36
N CYS B 309 -18.57 -24.70 9.97
CA CYS B 309 -17.80 -23.77 9.14
C CYS B 309 -17.28 -22.69 10.06
N TRP B 310 -15.95 -22.50 10.10
CA TRP B 310 -15.32 -21.73 11.18
C TRP B 310 -14.79 -20.38 10.76
N ARG B 311 -14.19 -20.33 9.58
CA ARG B 311 -13.57 -19.08 9.08
C ARG B 311 -13.80 -18.89 7.59
N ALA B 312 -13.81 -17.63 7.17
CA ALA B 312 -13.95 -17.27 5.76
C ALA B 312 -13.01 -16.11 5.43
N SER B 313 -12.40 -16.17 4.26
CA SER B 313 -11.63 -15.02 3.80
C SER B 313 -11.62 -14.95 2.29
N TRP B 314 -11.45 -13.74 1.78
CA TRP B 314 -11.52 -13.50 0.35
C TRP B 314 -10.16 -13.11 -0.18
N SER B 315 -9.92 -13.49 -1.41
CA SER B 315 -8.74 -13.02 -2.15
C SER B 315 -8.89 -11.56 -2.44
N LEU B 316 -7.76 -10.89 -2.67
CA LEU B 316 -7.78 -9.46 -2.97
C LEU B 316 -8.11 -9.24 -4.44
N SER B 317 -7.83 -10.24 -5.26
CA SER B 317 -8.14 -10.22 -6.66
C SER B 317 -8.88 -11.50 -7.03
N GLY B 318 -9.91 -11.39 -7.85
CA GLY B 318 -10.64 -12.55 -8.37
C GLY B 318 -11.84 -13.00 -7.55
N ASN B 319 -11.98 -12.44 -6.34
CA ASN B 319 -13.12 -12.79 -5.50
C ASN B 319 -13.22 -14.29 -5.23
N VAL B 320 -12.09 -14.91 -4.95
CA VAL B 320 -12.06 -16.32 -4.60
C VAL B 320 -12.26 -16.40 -3.10
N LEU B 321 -13.07 -17.37 -2.64
CA LEU B 321 -13.39 -17.51 -1.22
C LEU B 321 -12.71 -18.73 -0.63
N ALA B 322 -12.15 -18.58 0.56
CA ALA B 322 -11.59 -19.70 1.31
C ALA B 322 -12.38 -19.94 2.59
N ILE B 323 -12.78 -21.18 2.81
CA ILE B 323 -13.52 -21.54 4.03
C ILE B 323 -12.75 -22.59 4.82
N SER B 324 -12.59 -22.34 6.11
CA SER B 324 -11.99 -23.29 7.06
C SER B 324 -13.10 -24.06 7.74
N GLY B 325 -13.03 -25.38 7.70
CA GLY B 325 -14.08 -26.20 8.31
C GLY B 325 -13.58 -27.03 9.46
N GLY B 326 -14.47 -27.88 9.97
CA GLY B 326 -14.13 -28.69 11.11
C GLY B 326 -13.57 -30.07 10.82
N ASP B 327 -13.24 -30.34 9.56
CA ASP B 327 -12.62 -31.60 9.15
C ASP B 327 -11.21 -31.35 8.60
N ASN B 328 -10.59 -30.32 9.14
CA ASN B 328 -9.19 -29.98 8.86
C ASN B 328 -8.92 -29.63 7.40
N LYS B 329 -9.92 -29.07 6.72
CA LYS B 329 -9.74 -28.66 5.33
C LYS B 329 -9.97 -27.16 5.13
N VAL B 330 -9.26 -26.59 4.18
CA VAL B 330 -9.61 -25.28 3.62
C VAL B 330 -10.09 -25.50 2.18
N THR B 331 -11.33 -25.13 1.93
CA THR B 331 -11.92 -25.25 0.62
C THR B 331 -12.03 -23.87 -0.07
N LEU B 332 -11.77 -23.85 -1.38
CA LEU B 332 -11.80 -22.63 -2.19
C LEU B 332 -12.98 -22.65 -3.14
N TRP B 333 -13.55 -21.49 -3.38
CA TRP B 333 -14.78 -21.35 -4.13
C TRP B 333 -14.75 -20.14 -5.05
N LYS B 334 -15.30 -20.30 -6.25
CA LYS B 334 -15.38 -19.22 -7.23
C LYS B 334 -16.77 -19.15 -7.81
N GLU B 335 -17.20 -17.95 -8.18
CA GLU B 335 -18.49 -17.76 -8.78
C GLU B 335 -18.42 -18.00 -10.29
N ASN B 336 -19.36 -18.76 -10.83
CA ASN B 336 -19.38 -18.97 -12.28
C ASN B 336 -20.22 -17.88 -12.96
N ILE B 337 -20.27 -17.89 -14.29
CA ILE B 337 -20.97 -16.84 -15.03
C ILE B 337 -22.48 -16.85 -14.75
N GLN B 338 -22.95 -17.95 -14.18
CA GLN B 338 -24.36 -18.12 -13.86
C GLN B 338 -24.72 -17.72 -12.41
N GLY B 339 -23.76 -17.11 -11.71
CA GLY B 339 -23.98 -16.60 -10.37
C GLY B 339 -23.96 -17.69 -9.29
N LYS B 340 -23.57 -18.90 -9.68
CA LYS B 340 -23.46 -20.02 -8.75
C LYS B 340 -22.02 -20.26 -8.31
N TRP B 341 -21.86 -20.82 -7.12
CA TRP B 341 -20.53 -21.09 -6.58
C TRP B 341 -20.11 -22.51 -6.86
N GLU B 342 -18.85 -22.65 -7.25
CA GLU B 342 -18.30 -23.94 -7.60
C GLU B 342 -16.98 -24.12 -6.90
N SER B 343 -16.59 -25.36 -6.68
CA SER B 343 -15.31 -25.63 -6.04
C SER B 343 -14.15 -25.15 -6.89
N ALA B 344 -13.21 -24.46 -6.24
CA ALA B 344 -11.95 -24.07 -6.87
C ALA B 344 -10.78 -24.82 -6.22
N GLY B 345 -11.05 -26.05 -5.77
CA GLY B 345 -10.04 -26.85 -5.11
C GLY B 345 -10.04 -26.77 -3.60
N GLU B 346 -9.05 -27.42 -2.99
CA GLU B 346 -8.84 -27.32 -1.55
C GLU B 346 -7.34 -27.18 -1.30
N VAL B 347 -6.97 -26.60 -0.17
CA VAL B 347 -5.58 -26.26 0.08
C VAL B 347 -4.80 -27.45 0.63
CA CA C . 17.64 14.25 -26.55
CA CA D . 7.03 9.98 -8.64
CL CL E . 10.53 4.50 -4.02
CL CL F . 2.18 9.96 -6.91
C1 EDO G . 8.93 8.58 -11.19
O1 EDO G . 8.69 8.65 -9.76
C2 EDO G . 8.57 9.94 -11.80
O2 EDO G . 7.58 10.55 -10.93
H11 EDO G . 8.32 7.80 -11.64
H12 EDO G . 9.98 8.35 -11.39
H21 EDO G . 8.17 9.81 -12.81
H22 EDO G . 9.46 10.57 -11.87
C1 EDO H . 16.11 12.84 -28.96
O1 EDO H . 17.03 12.40 -28.00
C2 EDO H . 16.78 13.92 -29.82
O2 EDO H . 17.17 15.03 -28.97
H11 EDO H . 15.21 13.24 -28.48
H12 EDO H . 15.80 12.00 -29.60
H21 EDO H . 16.10 14.26 -30.59
H22 EDO H . 17.67 13.51 -30.30
C1 EDO I . 18.08 9.04 -30.22
O1 EDO I . 17.36 8.29 -29.22
C2 EDO I . 19.32 9.56 -29.52
O2 EDO I . 18.93 10.68 -28.74
H11 EDO I . 17.47 9.88 -30.57
H12 EDO I . 18.33 8.40 -31.06
HO1 EDO I . 16.55 7.94 -29.61
H21 EDO I . 20.07 9.85 -30.27
H22 EDO I . 19.75 8.77 -28.89
HO2 EDO I . 19.70 11.03 -28.28
C1 EDO J . 7.53 17.17 -4.04
O1 EDO J . 8.70 16.42 -3.71
C2 EDO J . 6.37 16.27 -4.42
O2 EDO J . 6.05 15.40 -3.31
H11 EDO J . 7.75 17.84 -4.86
H12 EDO J . 7.24 17.77 -3.18
HO1 EDO J . 9.41 17.02 -3.47
H21 EDO J . 6.63 15.68 -5.30
H22 EDO J . 5.50 16.88 -4.67
HO2 EDO J . 5.30 14.83 -3.56
C1 EDO K . 12.58 -2.30 1.57
O1 EDO K . 11.60 -1.42 0.97
C2 EDO K . 12.08 -2.76 2.93
O2 EDO K . 11.74 -1.62 3.70
H11 EDO K . 13.53 -1.77 1.68
H12 EDO K . 12.74 -3.16 0.92
HO1 EDO K . 11.91 -1.12 0.10
H21 EDO K . 12.87 -3.33 3.43
H22 EDO K . 11.21 -3.40 2.81
HO2 EDO K . 11.43 -1.91 4.58
CA CA L . -22.12 -13.17 26.20
#